data_9ME9
#
_entry.id   9ME9
#
_cell.length_a   1.00
_cell.length_b   1.00
_cell.length_c   1.00
_cell.angle_alpha   90.00
_cell.angle_beta   90.00
_cell.angle_gamma   90.00
#
_symmetry.space_group_name_H-M   'P 1'
#
loop_
_entity.id
_entity.type
_entity.pdbx_description
1 polymer 'Magnesium-transporting ATPase, P-type 1'
2 non-polymer 'MAGNESIUM ION'
#
_entity_poly.entity_id   1
_entity_poly.type   'polypeptide(L)'
_entity_poly.pdbx_seq_one_letter_code
;MHHHHHHHHLEMKKIRKTLENTKRATTFVDNNEINARLEFAKTSTKEELFQKFKTSNKGLSEEQVEISREQYGDNTITRG
KKSSLIKRLYQAFINPFTIILFVLALVSAFTDIILAAPGEKNPQGLIIITTMVLISGILRFVQETRSGNAAENLLKMITT
TTNVHRLESGSQEIPIEEVLVGDIIHLSAGDMVPADLRIIQAKDLFISQASLTGESEPVEKLDLATAAAAASITESVNLA
FMGSNVISGSAYGVVIATGDATIFGEMAKSVTEDSTKTTFEKGVNSVSWVLIRFMLVMVPFVLLINGFTKGDWMEAALFA
LAVAVGLTPEMLPMIVTTCLAKGAVTMSKEKTIIKNLNSIQNLGSMNILCTDKTGTLTQDKVVLMRHLDIHGQENIRVLR
HGFLNSYYQTGLKNLMDLAIIEGAEAKQDKNPELGGLSSKYTKVDEIPFDFERRRMSVVVKSNTNGATSKTQMITKGAAE
EMLDICTLVEDKGNVVHLTPELRAYILKKVDELNEEGMRVILVAQKTNPSPIDTFSVQDESEMVLMGYLAFLDPPKESTA
KAIKALNKYGVSVKILTGDNDKVTRSVCKQVGLPVDKTILGSDIDQLDDNELAAVAAAASVFAKLSPQQKARIVTTLRNS
GNSVGYMGDGINDAAAMKSSDVGISVDSAVDIAKESADVILLEKDLMVLEKGIIEGRKTYANMIKYIKMTASSNFGNMFS
VLIASAFLPFIPMLSIHILLLNLIYDFSCTAIPWDNVDEEYLVVPRKWDASSVSKFMLWIGPTSSVFDITTYLLMFFVIC
PATFGPFSSLVPGSVAYIGFIALFHTGWFVESMWTQTLVIHMIRTPKIPFLQSRASAPLTILTFMGIIGLTIIPFTSFGH
SIGLMALPINFFPWLILTVVMYMMLVTIFKKIFVSKYGELL
;
_entity_poly.pdbx_strand_id   A
#
loop_
_chem_comp.id
_chem_comp.type
_chem_comp.name
_chem_comp.formula
MG non-polymer 'MAGNESIUM ION' 'Mg 2'
#
# COMPACT_ATOMS: atom_id res chain seq x y z
N GLU A 33 -8.38 25.16 -29.22
CA GLU A 33 -7.98 24.04 -28.37
C GLU A 33 -8.41 24.25 -26.93
N ILE A 34 -7.76 23.53 -26.02
CA ILE A 34 -8.03 23.66 -24.59
C ILE A 34 -7.58 25.01 -24.08
N ASN A 35 -6.41 25.47 -24.55
CA ASN A 35 -5.82 26.71 -24.08
C ASN A 35 -6.69 27.91 -24.41
N ALA A 36 -7.28 27.93 -25.61
CA ALA A 36 -8.13 29.02 -26.03
C ALA A 36 -9.33 29.16 -25.10
N ARG A 37 -9.85 28.03 -24.61
CA ARG A 37 -10.97 28.06 -23.69
C ARG A 37 -10.54 28.58 -22.31
N LEU A 38 -9.30 28.25 -21.91
CA LEU A 38 -8.80 28.71 -20.63
C LEU A 38 -8.69 30.24 -20.59
N GLU A 39 -8.24 30.84 -21.68
CA GLU A 39 -8.16 32.29 -21.76
C GLU A 39 -9.54 32.91 -21.62
N PHE A 40 -10.54 32.35 -22.31
CA PHE A 40 -11.90 32.84 -22.18
C PHE A 40 -12.42 32.70 -20.76
N ALA A 41 -12.15 31.57 -20.09
CA ALA A 41 -12.60 31.37 -18.73
C ALA A 41 -11.96 32.39 -17.79
N LYS A 42 -10.67 32.66 -17.98
CA LYS A 42 -9.95 33.56 -17.08
C LYS A 42 -10.20 35.02 -17.44
N THR A 43 -10.85 35.27 -18.58
CA THR A 43 -11.15 36.65 -18.97
C THR A 43 -12.62 36.99 -18.97
N SER A 44 -13.54 36.03 -19.01
CA SER A 44 -14.96 36.33 -19.06
C SER A 44 -15.51 36.66 -17.68
N THR A 45 -16.60 37.42 -17.67
CA THR A 45 -17.31 37.70 -16.44
C THR A 45 -18.06 36.45 -15.97
N LYS A 46 -18.61 36.53 -14.75
CA LYS A 46 -19.25 35.37 -14.16
C LYS A 46 -20.55 35.03 -14.88
N GLU A 47 -21.30 36.04 -15.33
CA GLU A 47 -22.59 35.77 -15.97
C GLU A 47 -22.42 35.21 -17.37
N GLU A 48 -21.43 35.71 -18.12
CA GLU A 48 -21.15 35.15 -19.44
C GLU A 48 -20.67 33.71 -19.32
N LEU A 49 -19.83 33.43 -18.33
CA LEU A 49 -19.39 32.07 -18.08
C LEU A 49 -20.58 31.17 -17.72
N PHE A 50 -21.49 31.68 -16.88
CA PHE A 50 -22.67 30.90 -16.53
C PHE A 50 -23.52 30.59 -17.74
N GLN A 51 -23.72 31.58 -18.62
CA GLN A 51 -24.51 31.36 -19.83
C GLN A 51 -23.83 30.36 -20.76
N LYS A 52 -22.51 30.46 -20.92
CA LYS A 52 -21.82 29.58 -21.84
C LYS A 52 -21.79 28.13 -21.34
N PHE A 53 -21.51 27.94 -20.06
CA PHE A 53 -21.38 26.59 -19.51
C PHE A 53 -22.70 25.98 -19.07
N LYS A 54 -23.81 26.70 -19.24
CA LYS A 54 -25.13 26.25 -18.79
C LYS A 54 -25.13 25.94 -17.30
N THR A 55 -24.38 26.72 -16.53
CA THR A 55 -24.26 26.53 -15.10
C THR A 55 -24.90 27.70 -14.37
N SER A 56 -25.80 27.39 -13.45
CA SER A 56 -26.41 28.42 -12.62
C SER A 56 -25.60 28.59 -11.33
N ASN A 57 -25.95 29.63 -10.56
CA ASN A 57 -25.26 29.88 -9.30
C ASN A 57 -25.46 28.77 -8.27
N LYS A 58 -26.49 27.93 -8.44
CA LYS A 58 -26.77 26.85 -7.50
C LYS A 58 -26.36 25.48 -8.03
N GLY A 59 -25.64 25.43 -9.14
CA GLY A 59 -25.09 24.19 -9.64
C GLY A 59 -25.61 23.83 -11.01
N LEU A 60 -25.32 22.60 -11.42
CA LEU A 60 -25.68 22.06 -12.71
C LEU A 60 -27.01 21.30 -12.62
N SER A 61 -27.52 20.90 -13.78
CA SER A 61 -28.71 20.06 -13.87
C SER A 61 -28.35 18.70 -14.43
N GLU A 62 -29.30 17.76 -14.33
CA GLU A 62 -29.04 16.40 -14.77
C GLU A 62 -28.78 16.32 -16.26
N GLU A 63 -29.67 16.91 -17.07
CA GLU A 63 -29.52 16.83 -18.52
C GLU A 63 -28.25 17.55 -18.98
N GLN A 64 -27.94 18.69 -18.36
CA GLN A 64 -26.71 19.40 -18.73
C GLN A 64 -25.49 18.64 -18.26
N VAL A 65 -25.58 17.94 -17.12
CA VAL A 65 -24.47 17.10 -16.67
C VAL A 65 -24.22 15.99 -17.68
N GLU A 66 -25.29 15.35 -18.15
CA GLU A 66 -25.13 14.31 -19.17
C GLU A 66 -24.53 14.87 -20.44
N ILE A 67 -25.00 16.04 -20.88
CA ILE A 67 -24.48 16.66 -22.10
C ILE A 67 -23.00 16.97 -21.95
N SER A 68 -22.61 17.52 -20.80
CA SER A 68 -21.20 17.82 -20.56
C SER A 68 -20.37 16.54 -20.54
N ARG A 69 -20.90 15.47 -19.96
CA ARG A 69 -20.16 14.21 -19.93
C ARG A 69 -19.96 13.65 -21.33
N GLU A 70 -20.98 13.72 -22.18
CA GLU A 70 -20.86 13.17 -23.53
C GLU A 70 -20.23 14.14 -24.51
N GLN A 71 -19.96 15.39 -24.10
CA GLN A 71 -19.36 16.39 -24.97
C GLN A 71 -17.97 16.82 -24.53
N TYR A 72 -17.81 17.15 -23.25
CA TYR A 72 -16.53 17.68 -22.77
C TYR A 72 -15.57 16.57 -22.37
N GLY A 73 -15.97 15.73 -21.43
CA GLY A 73 -15.13 14.63 -21.01
C GLY A 73 -15.49 14.18 -19.61
N ASP A 74 -14.72 13.20 -19.13
CA ASP A 74 -14.87 12.66 -17.79
C ASP A 74 -13.57 12.85 -17.02
N ASN A 75 -13.70 13.10 -15.71
CA ASN A 75 -12.55 13.40 -14.87
C ASN A 75 -11.82 12.13 -14.45
N THR A 76 -11.33 11.40 -15.45
CA THR A 76 -10.48 10.24 -15.23
C THR A 76 -9.14 10.48 -15.92
N ILE A 77 -8.07 10.08 -15.26
CA ILE A 77 -6.71 10.32 -15.74
C ILE A 77 -6.22 9.04 -16.42
N THR A 78 -5.89 9.15 -17.70
CA THR A 78 -5.37 8.03 -18.47
C THR A 78 -3.86 7.86 -18.32
N ARG A 79 -3.14 8.93 -18.00
CA ARG A 79 -1.69 8.89 -17.81
C ARG A 79 -0.98 8.36 -19.05
N GLY A 80 -1.46 8.75 -20.23
CA GLY A 80 -0.82 8.36 -21.47
C GLY A 80 -1.07 6.93 -21.90
N LYS A 81 -1.99 6.22 -21.26
CA LYS A 81 -2.32 4.85 -21.61
C LYS A 81 -3.83 4.70 -21.72
N LYS A 82 -4.26 3.83 -22.62
CA LYS A 82 -5.67 3.56 -22.81
C LYS A 82 -5.84 2.16 -23.38
N SER A 83 -6.73 1.38 -22.78
CA SER A 83 -6.98 0.02 -23.23
C SER A 83 -8.45 -0.31 -23.05
N SER A 84 -9.05 -0.95 -24.06
CA SER A 84 -10.43 -1.36 -23.99
C SER A 84 -10.54 -2.71 -23.27
N LEU A 85 -11.76 -3.18 -23.10
CA LEU A 85 -11.97 -4.47 -22.42
C LEU A 85 -11.37 -5.62 -23.23
N ILE A 86 -11.58 -5.61 -24.55
CA ILE A 86 -11.08 -6.71 -25.38
C ILE A 86 -9.55 -6.71 -25.37
N LYS A 87 -8.94 -5.54 -25.54
CA LYS A 87 -7.47 -5.47 -25.54
C LYS A 87 -6.90 -5.86 -24.20
N ARG A 88 -7.50 -5.39 -23.11
CA ARG A 88 -7.01 -5.74 -21.78
C ARG A 88 -7.12 -7.24 -21.54
N LEU A 89 -8.25 -7.84 -21.91
CA LEU A 89 -8.42 -9.28 -21.72
C LEU A 89 -7.43 -10.08 -22.57
N TYR A 90 -7.22 -9.66 -23.82
CA TYR A 90 -6.27 -10.36 -24.66
C TYR A 90 -4.85 -10.25 -24.12
N GLN A 91 -4.49 -9.07 -23.61
CA GLN A 91 -3.17 -8.90 -23.01
C GLN A 91 -3.00 -9.73 -21.75
N ALA A 92 -4.04 -9.82 -20.93
CA ALA A 92 -3.94 -10.61 -19.70
C ALA A 92 -3.94 -12.10 -19.97
N PHE A 93 -4.55 -12.53 -21.08
CA PHE A 93 -4.71 -13.95 -21.35
C PHE A 93 -3.42 -14.63 -21.80
N ILE A 94 -2.35 -13.89 -22.08
CA ILE A 94 -1.15 -14.47 -22.66
C ILE A 94 0.00 -14.52 -21.64
N ASN A 95 -0.32 -14.60 -20.36
CA ASN A 95 0.73 -14.82 -19.37
C ASN A 95 1.33 -16.22 -19.55
N PRO A 96 2.58 -16.42 -19.13
CA PRO A 96 3.22 -17.73 -19.37
C PRO A 96 2.43 -18.92 -18.84
N PHE A 97 1.82 -18.80 -17.67
CA PHE A 97 1.11 -19.95 -17.09
C PHE A 97 -0.09 -20.35 -17.94
N THR A 98 -0.85 -19.36 -18.42
CA THR A 98 -1.96 -19.68 -19.31
C THR A 98 -1.49 -20.32 -20.60
N ILE A 99 -0.31 -19.91 -21.08
CA ILE A 99 0.25 -20.54 -22.28
C ILE A 99 0.62 -22.00 -21.99
N ILE A 100 1.16 -22.26 -20.79
CA ILE A 100 1.46 -23.64 -20.40
C ILE A 100 0.19 -24.48 -20.42
N LEU A 101 -0.86 -23.95 -19.80
CA LEU A 101 -2.11 -24.70 -19.72
C LEU A 101 -2.74 -24.88 -21.10
N PHE A 102 -2.61 -23.88 -21.98
CA PHE A 102 -3.13 -24.02 -23.33
C PHE A 102 -2.37 -25.07 -24.12
N VAL A 103 -1.05 -25.12 -23.96
CA VAL A 103 -0.26 -26.15 -24.63
C VAL A 103 -0.65 -27.53 -24.13
N LEU A 104 -0.87 -27.65 -22.81
CA LEU A 104 -1.35 -28.92 -22.27
C LEU A 104 -2.71 -29.30 -22.85
N ALA A 105 -3.60 -28.31 -23.00
CA ALA A 105 -4.91 -28.58 -23.59
C ALA A 105 -4.77 -29.04 -25.04
N LEU A 106 -3.89 -28.40 -25.80
CA LEU A 106 -3.69 -28.79 -27.19
C LEU A 106 -3.16 -30.22 -27.29
N VAL A 107 -2.17 -30.55 -26.46
CA VAL A 107 -1.61 -31.90 -26.47
C VAL A 107 -2.66 -32.93 -26.08
N SER A 108 -3.45 -32.62 -25.04
CA SER A 108 -4.48 -33.55 -24.60
C SER A 108 -5.54 -33.76 -25.68
N ALA A 109 -5.94 -32.67 -26.35
CA ALA A 109 -6.93 -32.81 -27.42
C ALA A 109 -6.38 -33.63 -28.58
N PHE A 110 -5.11 -33.42 -28.93
CA PHE A 110 -4.51 -34.21 -30.01
C PHE A 110 -4.42 -35.69 -29.63
N THR A 111 -4.02 -35.99 -28.40
CA THR A 111 -3.79 -37.37 -28.01
C THR A 111 -5.08 -38.13 -27.76
N ASP A 112 -6.10 -37.47 -27.21
CA ASP A 112 -7.29 -38.15 -26.75
C ASP A 112 -8.46 -38.09 -27.73
N ILE A 113 -8.44 -37.17 -28.69
CA ILE A 113 -9.57 -36.96 -29.60
C ILE A 113 -9.18 -37.21 -31.06
N ILE A 114 -8.22 -36.45 -31.56
CA ILE A 114 -7.90 -36.52 -32.99
C ILE A 114 -7.06 -37.75 -33.30
N LEU A 115 -5.94 -37.92 -32.60
CA LEU A 115 -5.02 -39.03 -32.88
C LEU A 115 -5.38 -40.30 -32.11
N ALA A 116 -6.43 -40.27 -31.29
CA ALA A 116 -6.84 -41.47 -30.59
C ALA A 116 -7.55 -42.43 -31.54
N ALA A 117 -7.53 -43.70 -31.18
CA ALA A 117 -8.19 -44.72 -31.99
C ALA A 117 -9.70 -44.51 -31.96
N PRO A 118 -10.41 -44.82 -33.04
CA PRO A 118 -11.87 -44.66 -33.05
C PRO A 118 -12.52 -45.55 -31.99
N GLY A 119 -13.57 -45.02 -31.37
CA GLY A 119 -14.30 -45.70 -30.33
C GLY A 119 -13.86 -45.38 -28.92
N GLU A 120 -12.67 -44.83 -28.74
CA GLU A 120 -12.15 -44.45 -27.43
C GLU A 120 -11.88 -42.95 -27.44
N LYS A 121 -12.82 -42.18 -26.91
CA LYS A 121 -12.69 -40.73 -26.79
C LYS A 121 -12.83 -40.34 -25.34
N ASN A 122 -11.90 -39.52 -24.86
CA ASN A 122 -11.89 -39.09 -23.46
C ASN A 122 -11.79 -37.57 -23.43
N PRO A 123 -12.91 -36.87 -23.66
CA PRO A 123 -12.89 -35.41 -23.64
C PRO A 123 -12.91 -34.81 -22.24
N GLN A 124 -12.93 -35.64 -21.19
CA GLN A 124 -12.96 -35.11 -19.83
C GLN A 124 -11.72 -34.27 -19.54
N GLY A 125 -10.54 -34.80 -19.86
CA GLY A 125 -9.32 -34.06 -19.61
C GLY A 125 -9.25 -32.76 -20.39
N LEU A 126 -9.62 -32.79 -21.68
CA LEU A 126 -9.62 -31.59 -22.48
C LEU A 126 -10.58 -30.54 -21.91
N ILE A 127 -11.77 -30.98 -21.52
CA ILE A 127 -12.77 -30.04 -21.01
C ILE A 127 -12.29 -29.39 -19.72
N ILE A 128 -11.76 -30.20 -18.79
CA ILE A 128 -11.34 -29.63 -17.52
C ILE A 128 -10.13 -28.72 -17.70
N ILE A 129 -9.21 -29.08 -18.60
CA ILE A 129 -8.05 -28.23 -18.83
C ILE A 129 -8.48 -26.91 -19.47
N THR A 130 -9.42 -26.94 -20.40
CA THR A 130 -9.88 -25.70 -21.01
C THR A 130 -10.61 -24.82 -20.00
N THR A 131 -11.45 -25.42 -19.15
CA THR A 131 -12.10 -24.65 -18.09
C THR A 131 -11.08 -24.02 -17.17
N MET A 132 -10.02 -24.77 -16.83
CA MET A 132 -8.98 -24.23 -15.97
C MET A 132 -8.20 -23.12 -16.67
N VAL A 133 -8.00 -23.23 -17.98
CA VAL A 133 -7.38 -22.15 -18.74
C VAL A 133 -8.21 -20.88 -18.62
N LEU A 134 -9.52 -21.01 -18.79
CA LEU A 134 -10.40 -19.86 -18.70
C LEU A 134 -10.37 -19.26 -17.30
N ILE A 135 -10.37 -20.11 -16.27
CA ILE A 135 -10.34 -19.62 -14.89
C ILE A 135 -9.04 -18.87 -14.62
N SER A 136 -7.91 -19.45 -15.05
CA SER A 136 -6.63 -18.80 -14.83
C SER A 136 -6.55 -17.46 -15.57
N GLY A 137 -7.07 -17.41 -16.80
CA GLY A 137 -7.08 -16.15 -17.52
C GLY A 137 -7.92 -15.09 -16.85
N ILE A 138 -9.10 -15.47 -16.36
CA ILE A 138 -9.96 -14.51 -15.67
C ILE A 138 -9.28 -14.00 -14.40
N LEU A 139 -8.67 -14.90 -13.64
CA LEU A 139 -8.00 -14.48 -12.41
C LEU A 139 -6.81 -13.57 -12.70
N ARG A 140 -6.03 -13.89 -13.75
CA ARG A 140 -4.92 -13.01 -14.12
C ARG A 140 -5.43 -11.64 -14.56
N PHE A 141 -6.54 -11.61 -15.30
CA PHE A 141 -7.11 -10.32 -15.71
C PHE A 141 -7.56 -9.51 -14.49
N VAL A 142 -8.18 -10.17 -13.51
CA VAL A 142 -8.62 -9.46 -12.31
C VAL A 142 -7.42 -8.90 -11.56
N GLN A 143 -6.36 -9.71 -11.42
CA GLN A 143 -5.16 -9.25 -10.72
C GLN A 143 -4.52 -8.08 -11.46
N GLU A 144 -4.43 -8.15 -12.79
CA GLU A 144 -3.85 -7.07 -13.56
C GLU A 144 -4.68 -5.80 -13.43
N THR A 145 -6.00 -5.92 -13.45
CA THR A 145 -6.86 -4.75 -13.30
C THR A 145 -6.69 -4.12 -11.92
N ARG A 146 -6.57 -4.94 -10.89
CA ARG A 146 -6.52 -4.44 -9.51
C ARG A 146 -5.12 -4.16 -9.01
N SER A 147 -4.10 -4.31 -9.86
CA SER A 147 -2.71 -4.06 -9.47
C SER A 147 -2.19 -2.83 -10.19
N GLY A 148 -1.54 -1.94 -9.45
CA GLY A 148 -0.99 -0.72 -10.01
C GLY A 148 0.32 -0.37 -9.33
N ASN A 149 0.87 0.78 -9.73
CA ASN A 149 2.14 1.25 -9.22
C ASN A 149 2.04 2.71 -8.79
N ALA A 150 2.97 3.12 -7.94
CA ALA A 150 3.11 4.50 -7.47
C ALA A 150 1.83 4.97 -6.77
N ALA A 151 1.42 4.19 -5.76
CA ALA A 151 0.28 4.51 -4.91
C ALA A 151 -0.98 4.75 -5.72
N GLU A 152 -1.20 3.92 -6.73
CA GLU A 152 -2.39 4.03 -7.56
C GLU A 152 -3.62 3.55 -6.79
N ASN A 153 -4.69 4.33 -6.84
CA ASN A 153 -5.94 3.98 -6.15
C ASN A 153 -6.81 3.18 -7.11
N LEU A 154 -6.60 1.86 -7.12
CA LEU A 154 -7.36 0.97 -7.98
C LEU A 154 -8.40 0.15 -7.23
N LEU A 155 -8.17 -0.17 -5.96
CA LEU A 155 -9.15 -0.93 -5.19
C LEU A 155 -10.36 -0.10 -4.83
N LYS A 156 -10.20 1.22 -4.72
CA LYS A 156 -11.28 2.14 -4.38
C LYS A 156 -11.92 1.79 -3.05
N MET A 157 -11.11 1.32 -2.10
CA MET A 157 -11.60 1.10 -0.75
C MET A 157 -11.94 2.42 -0.07
N ILE A 158 -11.11 3.43 -0.28
CA ILE A 158 -11.34 4.79 0.22
C ILE A 158 -11.11 5.78 -0.91
N THR A 159 -12.02 6.74 -1.04
CA THR A 159 -11.95 7.72 -2.12
C THR A 159 -12.10 9.12 -1.54
N THR A 160 -11.26 10.04 -2.02
CA THR A 160 -11.36 11.44 -1.61
C THR A 160 -12.60 12.07 -2.23
N THR A 161 -13.14 13.07 -1.53
CA THR A 161 -14.38 13.71 -1.93
C THR A 161 -14.21 15.22 -1.95
N THR A 162 -15.01 15.88 -2.79
CA THR A 162 -15.02 17.33 -2.89
C THR A 162 -16.46 17.82 -2.84
N ASN A 163 -16.66 19.01 -2.27
CA ASN A 163 -17.99 19.60 -2.12
C ASN A 163 -18.44 20.14 -3.47
N VAL A 164 -19.56 19.62 -3.97
CA VAL A 164 -20.09 19.99 -5.28
C VAL A 164 -21.55 20.41 -5.12
N HIS A 165 -21.89 21.55 -5.69
CA HIS A 165 -23.25 22.08 -5.64
C HIS A 165 -24.02 21.67 -6.88
N ARG A 166 -25.24 21.17 -6.69
CA ARG A 166 -26.11 20.77 -7.78
C ARG A 166 -27.51 21.32 -7.55
N LEU A 167 -28.27 21.41 -8.64
CA LEU A 167 -29.59 22.03 -8.57
C LEU A 167 -30.53 21.25 -7.66
N GLU A 168 -30.52 19.93 -7.75
CA GLU A 168 -31.47 19.09 -7.03
C GLU A 168 -30.93 18.50 -5.73
N SER A 169 -29.66 18.08 -5.72
CA SER A 169 -29.08 17.44 -4.55
C SER A 169 -28.43 18.43 -3.60
N GLY A 170 -28.39 19.72 -3.95
CA GLY A 170 -27.78 20.69 -3.07
C GLY A 170 -26.27 20.47 -2.95
N SER A 171 -25.74 20.83 -1.78
CA SER A 171 -24.32 20.68 -1.50
C SER A 171 -24.05 19.25 -1.03
N GLN A 172 -23.34 18.48 -1.85
CA GLN A 172 -23.02 17.10 -1.54
C GLN A 172 -21.55 16.86 -1.86
N GLU A 173 -20.99 15.84 -1.23
CA GLU A 173 -19.61 15.43 -1.47
C GLU A 173 -19.60 14.22 -2.38
N ILE A 174 -18.87 14.32 -3.49
CA ILE A 174 -18.82 13.26 -4.49
C ILE A 174 -17.36 12.95 -4.78
N PRO A 175 -17.06 11.75 -5.27
CA PRO A 175 -15.67 11.43 -5.61
C PRO A 175 -15.16 12.33 -6.72
N ILE A 176 -13.82 12.47 -6.76
CA ILE A 176 -13.19 13.38 -7.72
C ILE A 176 -13.50 12.94 -9.16
N GLU A 177 -13.55 11.64 -9.39
CA GLU A 177 -13.78 11.13 -10.74
C GLU A 177 -15.17 11.45 -11.28
N GLU A 178 -16.08 11.90 -10.42
CA GLU A 178 -17.45 12.23 -10.85
C GLU A 178 -17.64 13.72 -11.09
N VAL A 179 -16.57 14.50 -11.13
CA VAL A 179 -16.65 15.93 -11.37
C VAL A 179 -16.63 16.19 -12.88
N LEU A 180 -17.56 16.98 -13.36
CA LEU A 180 -17.67 17.31 -14.77
C LEU A 180 -17.56 18.81 -14.98
N VAL A 181 -17.41 19.21 -16.25
CA VAL A 181 -17.26 20.62 -16.57
C VAL A 181 -18.54 21.37 -16.26
N GLY A 182 -18.39 22.53 -15.63
CA GLY A 182 -19.50 23.37 -15.27
C GLY A 182 -19.93 23.28 -13.82
N ASP A 183 -19.53 22.24 -13.11
CA ASP A 183 -19.93 22.08 -11.72
C ASP A 183 -19.32 23.18 -10.86
N ILE A 184 -20.11 23.64 -9.88
CA ILE A 184 -19.66 24.64 -8.93
C ILE A 184 -19.14 23.92 -7.69
N ILE A 185 -17.89 24.22 -7.32
CA ILE A 185 -17.19 23.50 -6.28
C ILE A 185 -16.78 24.48 -5.18
N HIS A 186 -16.99 24.07 -3.93
CA HIS A 186 -16.61 24.86 -2.76
C HIS A 186 -15.29 24.34 -2.24
N LEU A 187 -14.31 25.22 -2.10
CA LEU A 187 -12.97 24.86 -1.66
C LEU A 187 -12.77 25.36 -0.23
N SER A 188 -12.29 24.46 0.64
CA SER A 188 -12.02 24.81 2.04
C SER A 188 -10.57 24.53 2.36
N ALA A 189 -10.19 24.68 3.63
CA ALA A 189 -8.81 24.47 4.04
C ALA A 189 -8.45 22.99 3.96
N GLY A 190 -7.43 22.67 3.19
CA GLY A 190 -6.92 21.32 3.06
C GLY A 190 -7.44 20.57 1.85
N ASP A 191 -8.60 20.94 1.33
CA ASP A 191 -9.17 20.24 0.19
C ASP A 191 -8.34 20.49 -1.07
N MET A 192 -8.01 19.41 -1.77
CA MET A 192 -7.24 19.50 -3.00
C MET A 192 -8.14 19.95 -4.14
N VAL A 193 -7.64 20.86 -4.97
CA VAL A 193 -8.40 21.37 -6.11
C VAL A 193 -8.59 20.23 -7.10
N PRO A 194 -9.83 19.89 -7.47
CA PRO A 194 -10.09 18.67 -8.25
C PRO A 194 -10.06 18.83 -9.76
N ALA A 195 -9.94 20.05 -10.28
CA ALA A 195 -9.92 20.28 -11.73
C ALA A 195 -9.43 21.70 -11.96
N ASP A 196 -9.44 22.12 -13.23
CA ASP A 196 -9.12 23.51 -13.56
C ASP A 196 -10.31 24.38 -13.17
N LEU A 197 -10.08 25.37 -12.32
CA LEU A 197 -11.14 26.17 -11.73
C LEU A 197 -10.93 27.64 -12.01
N ARG A 198 -12.00 28.32 -12.39
CA ARG A 198 -12.02 29.78 -12.43
C ARG A 198 -12.83 30.28 -11.25
N ILE A 199 -12.17 30.95 -10.31
CA ILE A 199 -12.79 31.34 -9.05
C ILE A 199 -13.77 32.48 -9.32
N ILE A 200 -15.02 32.30 -8.89
CA ILE A 200 -16.03 33.34 -9.01
C ILE A 200 -16.30 34.06 -7.70
N GLN A 201 -15.98 33.44 -6.56
CA GLN A 201 -16.10 34.08 -5.25
C GLN A 201 -14.95 33.60 -4.38
N ALA A 202 -14.05 34.50 -4.02
CA ALA A 202 -12.86 34.17 -3.25
C ALA A 202 -12.82 35.02 -1.99
N LYS A 203 -12.57 34.39 -0.86
CA LYS A 203 -12.46 35.06 0.44
C LYS A 203 -11.08 34.75 1.01
N ASP A 204 -10.09 35.56 0.63
CA ASP A 204 -8.71 35.40 1.09
C ASP A 204 -8.20 33.99 0.80
N LEU A 205 -8.43 33.53 -0.42
CA LEU A 205 -8.01 32.20 -0.83
C LEU A 205 -6.51 32.19 -1.11
N PHE A 206 -5.79 31.30 -0.41
CA PHE A 206 -4.37 31.09 -0.63
C PHE A 206 -4.16 29.63 -1.03
N ILE A 207 -3.46 29.43 -2.13
CA ILE A 207 -3.30 28.11 -2.74
C ILE A 207 -1.82 27.76 -2.77
N SER A 208 -1.49 26.55 -2.30
CA SER A 208 -0.13 26.04 -2.35
C SER A 208 0.04 25.27 -3.66
N GLN A 209 0.71 25.89 -4.63
CA GLN A 209 0.94 25.29 -5.93
C GLN A 209 2.27 24.56 -6.03
N ALA A 210 2.82 24.13 -4.88
CA ALA A 210 4.10 23.43 -4.90
C ALA A 210 3.98 22.08 -5.58
N SER A 211 2.85 21.40 -5.40
CA SER A 211 2.64 20.09 -6.02
C SER A 211 2.61 20.16 -7.54
N LEU A 212 2.43 21.35 -8.12
CA LEU A 212 2.34 21.51 -9.57
C LEU A 212 3.58 22.14 -10.16
N THR A 213 4.00 23.31 -9.67
CA THR A 213 5.13 24.03 -10.23
C THR A 213 6.36 24.05 -9.32
N GLY A 214 6.28 23.44 -8.14
CA GLY A 214 7.41 23.38 -7.24
C GLY A 214 7.62 24.61 -6.39
N GLU A 215 6.71 25.58 -6.44
CA GLU A 215 6.82 26.80 -5.63
C GLU A 215 6.05 26.61 -4.33
N SER A 216 6.79 26.55 -3.21
CA SER A 216 6.19 26.33 -1.90
C SER A 216 5.60 27.60 -1.31
N GLU A 217 5.48 28.65 -2.10
CA GLU A 217 4.92 29.91 -1.63
C GLU A 217 3.45 30.01 -1.98
N PRO A 218 2.57 30.20 -1.00
CA PRO A 218 1.14 30.34 -1.30
C PRO A 218 0.90 31.57 -2.16
N VAL A 219 -0.09 31.47 -3.05
CA VAL A 219 -0.43 32.54 -3.98
C VAL A 219 -1.88 32.93 -3.75
N GLU A 220 -2.12 34.24 -3.61
CA GLU A 220 -3.47 34.74 -3.42
C GLU A 220 -4.26 34.67 -4.71
N LYS A 221 -5.50 34.19 -4.62
CA LYS A 221 -6.38 34.04 -5.77
C LYS A 221 -7.61 34.90 -5.57
N LEU A 222 -7.95 35.67 -6.60
CA LEU A 222 -9.10 36.58 -6.57
C LEU A 222 -10.15 36.12 -7.58
N ASP A 223 -11.31 36.77 -7.53
CA ASP A 223 -12.41 36.45 -8.42
C ASP A 223 -12.56 37.46 -9.56
N LEU A 224 -11.67 38.44 -9.65
CA LEU A 224 -11.78 39.45 -10.69
C LEU A 224 -11.38 38.89 -12.04
N ALA A 225 -12.05 39.38 -13.08
CA ALA A 225 -11.78 38.96 -14.46
C ALA A 225 -10.60 39.76 -14.98
N THR A 226 -9.39 39.26 -14.69
CA THR A 226 -8.17 39.94 -15.07
C THR A 226 -7.99 39.87 -16.58
N ALA A 227 -8.03 41.03 -17.23
CA ALA A 227 -7.82 41.11 -18.68
C ALA A 227 -6.35 41.38 -19.01
N ALA A 228 -5.46 40.56 -18.45
CA ALA A 228 -4.03 40.70 -18.64
C ALA A 228 -3.44 39.37 -19.12
N ALA A 229 -2.51 39.45 -20.07
CA ALA A 229 -1.86 38.27 -20.63
C ALA A 229 -0.81 37.78 -19.64
N ALA A 230 -1.25 36.94 -18.70
CA ALA A 230 -0.34 36.38 -17.72
C ALA A 230 0.64 35.40 -18.36
N ALA A 231 1.76 35.19 -17.70
CA ALA A 231 2.84 34.36 -18.25
C ALA A 231 2.45 32.89 -18.13
N SER A 232 2.14 32.28 -19.27
CA SER A 232 1.98 30.82 -19.38
C SER A 232 0.87 30.30 -18.48
N ILE A 233 -0.14 31.13 -18.22
CA ILE A 233 -1.39 30.79 -17.55
C ILE A 233 -1.20 30.12 -16.19
N THR A 234 -0.08 29.42 -16.00
CA THR A 234 0.12 28.66 -14.77
C THR A 234 0.07 29.56 -13.53
N GLU A 235 0.84 30.66 -13.55
CA GLU A 235 0.81 31.63 -12.46
C GLU A 235 -0.09 32.80 -12.86
N SER A 236 -1.39 32.54 -12.80
CA SER A 236 -2.42 33.54 -13.05
C SER A 236 -3.18 33.81 -11.76
N VAL A 237 -4.09 34.79 -11.81
CA VAL A 237 -4.75 35.27 -10.61
C VAL A 237 -6.03 34.49 -10.32
N ASN A 238 -6.93 34.38 -11.30
CA ASN A 238 -8.26 33.85 -11.07
C ASN A 238 -8.44 32.43 -11.61
N LEU A 239 -7.36 31.66 -11.71
CA LEU A 239 -7.45 30.26 -12.10
C LEU A 239 -6.80 29.38 -11.05
N ALA A 240 -7.51 28.32 -10.66
CA ALA A 240 -6.97 27.29 -9.77
C ALA A 240 -6.88 25.99 -10.54
N PHE A 241 -5.68 25.43 -10.62
CA PHE A 241 -5.43 24.26 -11.45
C PHE A 241 -5.51 22.98 -10.63
N MET A 242 -5.72 21.87 -11.33
CA MET A 242 -5.80 20.57 -10.68
C MET A 242 -4.47 20.22 -10.02
N GLY A 243 -4.56 19.57 -8.85
CA GLY A 243 -3.39 19.16 -8.12
C GLY A 243 -2.85 20.18 -7.14
N SER A 244 -3.37 21.41 -7.17
CA SER A 244 -2.95 22.43 -6.22
C SER A 244 -3.71 22.27 -4.91
N ASN A 245 -3.08 22.71 -3.83
CA ASN A 245 -3.61 22.54 -2.49
C ASN A 245 -4.07 23.88 -1.94
N VAL A 246 -5.24 23.88 -1.29
CA VAL A 246 -5.80 25.08 -0.68
C VAL A 246 -5.34 25.14 0.76
N ILE A 247 -4.80 26.29 1.16
CA ILE A 247 -4.25 26.47 2.50
C ILE A 247 -5.25 27.15 3.43
N SER A 248 -5.82 28.27 3.01
CA SER A 248 -6.71 29.01 3.88
C SER A 248 -7.80 29.68 3.05
N GLY A 249 -8.91 29.99 3.71
CA GLY A 249 -10.02 30.68 3.06
C GLY A 249 -10.96 29.71 2.37
N SER A 250 -12.11 30.27 1.98
CA SER A 250 -13.14 29.52 1.29
C SER A 250 -13.45 30.21 -0.03
N ALA A 251 -13.54 29.42 -1.11
CA ALA A 251 -13.79 29.97 -2.43
C ALA A 251 -14.74 29.06 -3.20
N TYR A 252 -15.50 29.66 -4.11
CA TYR A 252 -16.40 28.94 -5.01
C TYR A 252 -15.81 28.99 -6.40
N GLY A 253 -15.64 27.83 -7.03
CA GLY A 253 -15.03 27.76 -8.34
C GLY A 253 -15.91 26.99 -9.31
N VAL A 254 -15.73 27.30 -10.59
CA VAL A 254 -16.44 26.65 -11.68
C VAL A 254 -15.45 25.82 -12.47
N VAL A 255 -15.72 24.53 -12.60
CA VAL A 255 -14.84 23.64 -13.33
C VAL A 255 -14.88 23.98 -14.81
N ILE A 256 -13.70 24.13 -15.42
CA ILE A 256 -13.61 24.42 -16.84
C ILE A 256 -12.95 23.31 -17.64
N ALA A 257 -12.14 22.46 -17.03
CA ALA A 257 -11.50 21.36 -17.74
C ALA A 257 -11.30 20.19 -16.79
N THR A 258 -11.60 18.99 -17.27
CA THR A 258 -11.41 17.76 -16.51
C THR A 258 -10.57 16.78 -17.34
N GLY A 259 -10.26 15.64 -16.74
CA GLY A 259 -9.54 14.61 -17.46
C GLY A 259 -8.14 15.05 -17.84
N ASP A 260 -7.71 14.61 -19.03
CA ASP A 260 -6.37 14.91 -19.52
C ASP A 260 -6.23 16.34 -20.05
N ALA A 261 -7.33 17.09 -20.15
CA ALA A 261 -7.28 18.43 -20.70
C ALA A 261 -6.59 19.43 -19.79
N THR A 262 -6.40 19.11 -18.51
CA THR A 262 -5.81 20.05 -17.57
C THR A 262 -4.28 19.98 -17.64
N ILE A 263 -3.64 20.93 -16.95
CA ILE A 263 -2.19 20.94 -16.86
C ILE A 263 -1.68 19.71 -16.11
N PHE A 264 -2.38 19.34 -15.03
CA PHE A 264 -2.00 18.15 -14.28
C PHE A 264 -2.11 16.89 -15.12
N GLY A 265 -3.14 16.80 -15.96
CA GLY A 265 -3.28 15.65 -16.83
C GLY A 265 -2.13 15.52 -17.81
N GLU A 266 -1.69 16.64 -18.38
CA GLU A 266 -0.50 16.62 -19.24
C GLU A 266 0.74 16.24 -18.46
N MET A 267 0.87 16.75 -17.23
CA MET A 267 2.01 16.39 -16.40
C MET A 267 1.94 14.94 -15.95
N ALA A 268 0.75 14.34 -15.96
CA ALA A 268 0.58 12.95 -15.55
C ALA A 268 1.23 12.04 -16.58
N LYS A 269 2.38 11.47 -16.23
CA LYS A 269 3.12 10.58 -17.11
C LYS A 269 3.38 9.26 -16.40
N SER A 270 3.26 8.17 -17.15
CA SER A 270 3.45 6.83 -16.63
C SER A 270 4.91 6.42 -16.81
N VAL A 271 5.60 6.21 -15.70
CA VAL A 271 6.99 5.77 -15.70
C VAL A 271 6.98 4.25 -15.52
N THR A 272 7.19 3.52 -16.61
CA THR A 272 7.15 2.07 -16.55
C THR A 272 8.34 1.53 -15.75
N GLU A 273 8.04 0.66 -14.80
CA GLU A 273 9.06 0.05 -13.93
C GLU A 273 9.92 1.12 -13.26
N ASP A 274 9.26 2.13 -12.69
CA ASP A 274 10.00 3.18 -12.00
C ASP A 274 10.76 2.62 -10.81
N SER A 275 10.15 1.71 -10.07
CA SER A 275 10.81 1.05 -8.94
C SER A 275 11.35 -0.30 -9.36
N THR A 276 12.47 -0.71 -8.76
CA THR A 276 13.08 -2.00 -9.02
C THR A 276 12.44 -3.13 -8.22
N LYS A 277 11.24 -2.90 -7.68
CA LYS A 277 10.58 -3.92 -6.87
C LYS A 277 10.18 -5.11 -7.73
N THR A 278 10.29 -6.30 -7.15
CA THR A 278 9.86 -7.53 -7.81
C THR A 278 8.44 -7.84 -7.33
N THR A 279 7.46 -7.46 -8.14
CA THR A 279 6.07 -7.68 -7.78
C THR A 279 5.72 -9.15 -7.86
N PHE A 280 4.52 -9.49 -7.36
CA PHE A 280 4.08 -10.89 -7.37
C PHE A 280 3.93 -11.41 -8.79
N GLU A 281 3.62 -10.53 -9.76
CA GLU A 281 3.53 -10.96 -11.15
C GLU A 281 4.88 -11.47 -11.65
N LYS A 282 5.95 -10.74 -11.32
CA LYS A 282 7.28 -11.17 -11.75
C LYS A 282 7.68 -12.48 -11.09
N GLY A 283 7.34 -12.66 -9.82
CA GLY A 283 7.63 -13.93 -9.16
C GLY A 283 6.88 -15.09 -9.77
N VAL A 284 5.60 -14.88 -10.09
CA VAL A 284 4.82 -15.93 -10.73
C VAL A 284 5.39 -16.27 -12.10
N ASN A 285 5.80 -15.25 -12.85
CA ASN A 285 6.42 -15.50 -14.15
C ASN A 285 7.71 -16.28 -14.00
N SER A 286 8.53 -15.95 -13.00
CA SER A 286 9.76 -16.68 -12.76
C SER A 286 9.49 -18.14 -12.39
N VAL A 287 8.47 -18.38 -11.57
CA VAL A 287 8.10 -19.75 -11.22
C VAL A 287 7.65 -20.52 -12.46
N SER A 288 6.85 -19.87 -13.31
CA SER A 288 6.42 -20.50 -14.55
C SER A 288 7.61 -20.85 -15.43
N TRP A 289 8.59 -19.95 -15.50
CA TRP A 289 9.77 -20.22 -16.31
C TRP A 289 10.61 -21.36 -15.73
N VAL A 290 10.68 -21.47 -14.41
CA VAL A 290 11.35 -22.61 -13.79
C VAL A 290 10.64 -23.91 -14.17
N LEU A 291 9.31 -23.89 -14.14
CA LEU A 291 8.54 -25.06 -14.53
C LEU A 291 8.78 -25.43 -15.99
N ILE A 292 8.88 -24.41 -16.86
CA ILE A 292 9.19 -24.67 -18.27
C ILE A 292 10.58 -25.29 -18.41
N ARG A 293 11.54 -24.79 -17.65
CA ARG A 293 12.88 -25.36 -17.71
C ARG A 293 12.86 -26.83 -17.32
N PHE A 294 12.16 -27.15 -16.23
CA PHE A 294 12.10 -28.54 -15.79
C PHE A 294 11.35 -29.42 -16.79
N MET A 295 10.29 -28.89 -17.40
CA MET A 295 9.57 -29.64 -18.42
C MET A 295 10.48 -29.94 -19.62
N LEU A 296 11.22 -28.93 -20.08
CA LEU A 296 12.11 -29.13 -21.21
C LEU A 296 13.21 -30.13 -20.87
N VAL A 297 13.65 -30.17 -19.62
CA VAL A 297 14.65 -31.15 -19.21
C VAL A 297 14.05 -32.56 -19.20
N MET A 298 12.82 -32.70 -18.71
CA MET A 298 12.31 -34.03 -18.38
C MET A 298 11.46 -34.66 -19.48
N VAL A 299 10.46 -33.94 -20.00
CA VAL A 299 9.48 -34.55 -20.89
C VAL A 299 10.12 -35.18 -22.13
N PRO A 300 11.02 -34.50 -22.86
CA PRO A 300 11.68 -35.19 -23.98
C PRO A 300 12.47 -36.41 -23.55
N PHE A 301 13.00 -36.42 -22.34
CA PHE A 301 13.73 -37.60 -21.86
C PHE A 301 12.80 -38.80 -21.77
N VAL A 302 11.61 -38.61 -21.17
CA VAL A 302 10.64 -39.70 -21.06
C VAL A 302 10.18 -40.13 -22.44
N LEU A 303 9.91 -39.16 -23.33
CA LEU A 303 9.48 -39.50 -24.68
C LEU A 303 10.51 -40.35 -25.39
N LEU A 304 11.78 -39.95 -25.33
CA LEU A 304 12.83 -40.71 -25.98
C LEU A 304 12.97 -42.09 -25.37
N ILE A 305 12.92 -42.19 -24.04
CA ILE A 305 13.07 -43.48 -23.38
C ILE A 305 11.99 -44.45 -23.86
N ASN A 306 10.74 -44.02 -23.82
CA ASN A 306 9.66 -44.92 -24.21
C ASN A 306 9.71 -45.25 -25.69
N GLY A 307 9.94 -44.24 -26.54
CA GLY A 307 9.95 -44.49 -27.98
C GLY A 307 11.08 -45.41 -28.41
N PHE A 308 12.24 -45.31 -27.77
CA PHE A 308 13.37 -46.14 -28.16
C PHE A 308 13.46 -47.44 -27.38
N THR A 309 12.62 -47.62 -26.34
CA THR A 309 12.64 -48.87 -25.60
C THR A 309 11.46 -49.77 -25.96
N LYS A 310 10.23 -49.25 -25.86
CA LYS A 310 9.05 -50.07 -26.05
C LYS A 310 8.54 -50.09 -27.48
N GLY A 311 8.91 -49.12 -28.30
CA GLY A 311 8.61 -49.14 -29.72
C GLY A 311 7.25 -48.63 -30.11
N ASP A 312 6.39 -48.29 -29.15
CA ASP A 312 5.06 -47.74 -29.42
C ASP A 312 5.10 -46.27 -29.09
N TRP A 313 5.00 -45.42 -30.12
CA TRP A 313 5.15 -43.98 -29.91
C TRP A 313 3.92 -43.39 -29.24
N MET A 314 2.75 -44.03 -29.38
CA MET A 314 1.57 -43.53 -28.70
C MET A 314 1.72 -43.59 -27.19
N GLU A 315 2.29 -44.69 -26.67
CA GLU A 315 2.53 -44.80 -25.23
C GLU A 315 3.53 -43.75 -24.78
N ALA A 316 4.55 -43.47 -25.61
CA ALA A 316 5.50 -42.42 -25.28
C ALA A 316 4.81 -41.05 -25.20
N ALA A 317 3.91 -40.78 -26.14
CA ALA A 317 3.16 -39.52 -26.09
C ALA A 317 2.29 -39.44 -24.84
N LEU A 318 1.66 -40.56 -24.48
CA LEU A 318 0.85 -40.58 -23.26
C LEU A 318 1.70 -40.30 -22.03
N PHE A 319 2.89 -40.91 -21.95
CA PHE A 319 3.78 -40.66 -20.81
C PHE A 319 4.24 -39.21 -20.78
N ALA A 320 4.59 -38.65 -21.94
CA ALA A 320 5.01 -37.26 -21.97
C ALA A 320 3.90 -36.32 -21.53
N LEU A 321 2.67 -36.57 -21.98
CA LEU A 321 1.54 -35.75 -21.54
C LEU A 321 1.30 -35.91 -20.05
N ALA A 322 1.43 -37.13 -19.53
CA ALA A 322 1.24 -37.35 -18.09
C ALA A 322 2.27 -36.59 -17.28
N VAL A 323 3.54 -36.66 -17.69
CA VAL A 323 4.60 -35.95 -16.97
C VAL A 323 4.37 -34.44 -17.03
N ALA A 324 4.00 -33.93 -18.21
CA ALA A 324 3.77 -32.49 -18.35
C ALA A 324 2.60 -32.04 -17.49
N VAL A 325 1.52 -32.83 -17.42
CA VAL A 325 0.40 -32.49 -16.56
C VAL A 325 0.80 -32.52 -15.10
N GLY A 326 1.57 -33.53 -14.70
CA GLY A 326 1.97 -33.65 -13.31
C GLY A 326 2.88 -32.52 -12.84
N LEU A 327 3.77 -32.07 -13.72
CA LEU A 327 4.70 -31.02 -13.33
C LEU A 327 3.99 -29.69 -13.08
N THR A 328 2.80 -29.51 -13.65
CA THR A 328 2.13 -28.22 -13.57
C THR A 328 1.38 -28.08 -12.25
N PRO A 329 1.66 -27.05 -11.44
CA PRO A 329 0.77 -26.72 -10.33
C PRO A 329 -0.49 -26.04 -10.87
N GLU A 330 -1.47 -26.84 -11.26
CA GLU A 330 -2.52 -26.39 -12.17
C GLU A 330 -3.27 -25.17 -11.63
N MET A 331 -3.63 -25.18 -10.36
CA MET A 331 -4.43 -24.10 -9.78
C MET A 331 -3.58 -23.10 -9.01
N LEU A 332 -2.37 -22.82 -9.50
CA LEU A 332 -1.52 -21.81 -8.85
C LEU A 332 -2.15 -20.42 -8.84
N PRO A 333 -2.69 -19.89 -9.95
CA PRO A 333 -3.28 -18.53 -9.88
C PRO A 333 -4.44 -18.42 -8.91
N MET A 334 -5.23 -19.49 -8.73
CA MET A 334 -6.31 -19.44 -7.75
C MET A 334 -5.77 -19.25 -6.35
N ILE A 335 -4.71 -19.98 -5.99
CA ILE A 335 -4.13 -19.83 -4.66
C ILE A 335 -3.48 -18.47 -4.50
N VAL A 336 -2.84 -17.97 -5.56
CA VAL A 336 -2.22 -16.64 -5.49
C VAL A 336 -3.28 -15.57 -5.24
N THR A 337 -4.39 -15.64 -5.98
CA THR A 337 -5.47 -14.68 -5.79
C THR A 337 -6.10 -14.81 -4.41
N THR A 338 -6.24 -16.04 -3.92
CA THR A 338 -6.77 -16.23 -2.57
C THR A 338 -5.85 -15.61 -1.53
N CYS A 339 -4.54 -15.80 -1.68
CA CYS A 339 -3.59 -15.20 -0.75
C CYS A 339 -3.68 -13.68 -0.78
N LEU A 340 -3.75 -13.09 -1.99
CA LEU A 340 -3.83 -11.64 -2.10
C LEU A 340 -5.12 -11.11 -1.49
N ALA A 341 -6.24 -11.78 -1.76
CA ALA A 341 -7.52 -11.33 -1.20
C ALA A 341 -7.53 -11.45 0.32
N LYS A 342 -6.99 -12.55 0.86
CA LYS A 342 -6.93 -12.70 2.31
C LYS A 342 -6.06 -11.62 2.92
N GLY A 343 -4.91 -11.32 2.32
CA GLY A 343 -4.07 -10.26 2.83
C GLY A 343 -4.77 -8.92 2.82
N ALA A 344 -5.44 -8.59 1.71
CA ALA A 344 -6.13 -7.31 1.60
C ALA A 344 -7.24 -7.20 2.65
N VAL A 345 -8.05 -8.24 2.79
CA VAL A 345 -9.15 -8.21 3.74
C VAL A 345 -8.64 -8.12 5.17
N THR A 346 -7.60 -8.89 5.50
CA THR A 346 -7.06 -8.87 6.85
C THR A 346 -6.47 -7.50 7.18
N MET A 347 -5.74 -6.89 6.25
CA MET A 347 -5.20 -5.55 6.51
C MET A 347 -6.31 -4.52 6.60
N SER A 348 -7.37 -4.66 5.81
CA SER A 348 -8.50 -3.75 5.93
C SER A 348 -9.16 -3.86 7.30
N LYS A 349 -9.32 -5.09 7.80
CA LYS A 349 -9.90 -5.28 9.12
C LYS A 349 -8.99 -4.80 10.24
N GLU A 350 -7.69 -4.66 9.98
CA GLU A 350 -6.73 -4.17 10.95
C GLU A 350 -6.54 -2.66 10.90
N LYS A 351 -7.56 -1.93 10.45
CA LYS A 351 -7.49 -0.47 10.34
C LYS A 351 -6.34 -0.01 9.44
N THR A 352 -6.09 -0.74 8.36
CA THR A 352 -5.04 -0.41 7.40
C THR A 352 -5.62 -0.58 6.01
N ILE A 353 -6.13 0.52 5.44
CA ILE A 353 -6.75 0.48 4.12
C ILE A 353 -5.69 0.71 3.06
N ILE A 354 -5.62 -0.20 2.10
CA ILE A 354 -4.60 -0.17 1.08
C ILE A 354 -5.17 0.41 -0.20
N LYS A 355 -4.30 0.73 -1.15
CA LYS A 355 -4.71 1.33 -2.41
C LYS A 355 -4.68 0.37 -3.59
N ASN A 356 -3.81 -0.65 -3.56
CA ASN A 356 -3.75 -1.63 -4.63
C ASN A 356 -3.09 -2.89 -4.09
N LEU A 357 -2.96 -3.89 -4.96
CA LEU A 357 -2.37 -5.16 -4.56
C LEU A 357 -0.86 -5.08 -4.39
N ASN A 358 -0.19 -4.16 -5.08
CA ASN A 358 1.24 -3.99 -4.90
C ASN A 358 1.57 -3.29 -3.60
N SER A 359 0.57 -2.72 -2.93
CA SER A 359 0.81 -2.07 -1.64
C SER A 359 1.29 -3.06 -0.60
N ILE A 360 0.78 -4.29 -0.65
CA ILE A 360 1.21 -5.32 0.30
C ILE A 360 2.70 -5.59 0.13
N GLN A 361 3.15 -5.74 -1.12
CA GLN A 361 4.56 -5.96 -1.38
C GLN A 361 5.39 -4.75 -0.95
N ASN A 362 4.89 -3.54 -1.20
CA ASN A 362 5.62 -2.35 -0.81
C ASN A 362 5.78 -2.26 0.70
N LEU A 363 4.71 -2.58 1.44
CA LEU A 363 4.75 -2.44 2.89
C LEU A 363 5.52 -3.57 3.56
N GLY A 364 5.49 -4.78 2.98
CA GLY A 364 6.18 -5.89 3.59
C GLY A 364 7.68 -5.71 3.61
N SER A 365 8.24 -5.10 2.56
CA SER A 365 9.68 -4.90 2.44
C SER A 365 10.17 -3.62 3.11
N MET A 366 9.38 -3.06 4.03
CA MET A 366 9.79 -1.85 4.73
C MET A 366 11.06 -2.11 5.52
N ASN A 367 12.00 -1.18 5.44
CA ASN A 367 13.26 -1.29 6.18
C ASN A 367 13.53 -0.10 7.08
N ILE A 368 13.22 1.11 6.64
CA ILE A 368 13.42 2.32 7.42
C ILE A 368 12.14 3.14 7.38
N LEU A 369 11.66 3.57 8.55
CA LEU A 369 10.45 4.36 8.67
C LEU A 369 10.81 5.79 9.06
N CYS A 370 10.30 6.76 8.32
CA CYS A 370 10.53 8.17 8.60
C CYS A 370 9.20 8.85 8.83
N THR A 371 9.11 9.65 9.89
CA THR A 371 7.85 10.30 10.23
C THR A 371 8.13 11.52 11.10
N ASP A 372 7.13 12.39 11.18
CA ASP A 372 7.18 13.53 12.09
C ASP A 372 6.69 13.12 13.46
N LYS A 373 7.22 13.78 14.49
CA LYS A 373 6.92 13.37 15.86
C LYS A 373 5.49 13.71 16.26
N THR A 374 4.89 14.73 15.64
CA THR A 374 3.56 15.18 16.04
C THR A 374 2.50 14.20 15.56
N GLY A 375 1.65 13.77 16.48
CA GLY A 375 0.56 12.87 16.14
C GLY A 375 0.94 11.41 16.19
N THR A 376 2.14 11.08 15.73
CA THR A 376 2.60 9.70 15.69
C THR A 376 3.10 9.24 17.06
N LEU A 377 4.13 9.91 17.59
CA LEU A 377 4.70 9.55 18.89
C LEU A 377 3.96 10.22 20.04
N THR A 378 3.58 11.48 19.87
CA THR A 378 2.92 12.26 20.90
C THR A 378 1.44 12.39 20.61
N GLN A 379 0.63 12.20 21.65
CA GLN A 379 -0.82 12.36 21.50
C GLN A 379 -1.15 13.80 21.14
N ASP A 380 -2.13 13.97 20.25
CA ASP A 380 -2.45 15.27 19.68
C ASP A 380 -3.39 16.06 20.61
N LYS A 381 -2.89 16.37 21.80
CA LYS A 381 -3.65 17.14 22.76
C LYS A 381 -2.70 17.73 23.80
N VAL A 382 -2.89 18.99 24.12
CA VAL A 382 -2.07 19.67 25.12
C VAL A 382 -2.66 19.44 26.51
N VAL A 383 -1.80 19.09 27.47
CA VAL A 383 -2.24 18.85 28.83
C VAL A 383 -1.83 19.96 29.79
N LEU A 384 -0.94 20.87 29.39
CA LEU A 384 -0.51 21.96 30.24
C LEU A 384 -0.26 23.19 29.39
N MET A 385 -0.83 24.32 29.79
CA MET A 385 -0.70 25.56 29.04
C MET A 385 -0.16 26.66 29.94
N ARG A 386 0.70 27.50 29.38
CA ARG A 386 1.25 28.66 30.08
C ARG A 386 1.21 29.87 29.17
N HIS A 387 0.26 30.77 29.39
CA HIS A 387 0.21 32.05 28.68
C HIS A 387 0.96 33.07 29.52
N LEU A 388 2.22 33.30 29.19
CA LEU A 388 3.13 34.06 30.05
C LEU A 388 3.46 35.40 29.42
N ASP A 389 3.82 36.35 30.28
CA ASP A 389 4.26 37.67 29.83
C ASP A 389 5.72 37.60 29.41
N ILE A 390 6.34 38.77 29.25
CA ILE A 390 7.73 38.82 28.81
C ILE A 390 8.65 38.16 29.83
N HIS A 391 8.39 38.38 31.12
CA HIS A 391 9.24 37.87 32.19
C HIS A 391 8.84 36.48 32.66
N GLY A 392 7.85 35.84 32.03
CA GLY A 392 7.45 34.52 32.42
C GLY A 392 6.34 34.45 33.44
N GLN A 393 5.65 35.55 33.71
CA GLN A 393 4.53 35.57 34.63
C GLN A 393 3.22 35.42 33.86
N GLU A 394 2.23 34.80 34.51
CA GLU A 394 0.96 34.53 33.87
C GLU A 394 0.27 35.83 33.48
N ASN A 395 -0.18 35.91 32.23
CA ASN A 395 -0.84 37.10 31.70
C ASN A 395 -2.06 36.68 30.90
N ILE A 396 -3.02 37.61 30.79
CA ILE A 396 -4.30 37.32 30.17
C ILE A 396 -4.40 37.98 28.79
N ARG A 397 -3.75 39.13 28.63
CA ARG A 397 -3.82 39.86 27.37
C ARG A 397 -3.17 39.06 26.24
N VAL A 398 -2.05 38.42 26.51
CA VAL A 398 -1.40 37.59 25.51
C VAL A 398 -2.32 36.44 25.10
N LEU A 399 -3.01 35.84 26.07
CA LEU A 399 -3.96 34.77 25.75
C LEU A 399 -5.12 35.30 24.92
N ARG A 400 -5.57 36.53 25.21
CA ARG A 400 -6.65 37.11 24.43
C ARG A 400 -6.24 37.29 22.97
N HIS A 401 -5.04 37.84 22.74
CA HIS A 401 -4.58 38.03 21.37
C HIS A 401 -4.36 36.70 20.66
N GLY A 402 -3.78 35.73 21.36
CA GLY A 402 -3.61 34.41 20.75
C GLY A 402 -4.93 33.75 20.42
N PHE A 403 -5.93 33.92 21.29
CA PHE A 403 -7.25 33.36 21.01
C PHE A 403 -7.90 34.05 19.83
N LEU A 404 -7.74 35.38 19.71
CA LEU A 404 -8.26 36.07 18.53
C LEU A 404 -7.64 35.51 17.26
N ASN A 405 -6.31 35.36 17.27
CA ASN A 405 -5.62 34.83 16.08
C ASN A 405 -6.07 33.41 15.77
N SER A 406 -6.22 32.57 16.79
CA SER A 406 -6.57 31.16 16.56
C SER A 406 -8.01 31.02 16.10
N TYR A 407 -8.94 31.73 16.74
CA TYR A 407 -10.35 31.59 16.40
C TYR A 407 -10.65 32.21 15.04
N TYR A 408 -10.03 33.34 14.72
CA TYR A 408 -10.29 33.98 13.44
C TYR A 408 -9.35 33.49 12.34
N GLN A 409 -8.48 32.54 12.63
CA GLN A 409 -7.75 31.85 11.58
C GLN A 409 -8.72 31.02 10.74
N THR A 410 -8.56 31.11 9.42
CA THR A 410 -9.41 30.36 8.51
C THR A 410 -8.73 29.12 7.95
N GLY A 411 -7.44 28.93 8.20
CA GLY A 411 -6.72 27.78 7.71
C GLY A 411 -6.90 26.57 8.60
N LEU A 412 -6.05 25.58 8.36
CA LEU A 412 -6.06 24.36 9.17
C LEU A 412 -5.70 24.68 10.61
N LYS A 413 -6.42 24.08 11.55
CA LYS A 413 -6.20 24.30 12.97
C LYS A 413 -5.32 23.16 13.51
N ASN A 414 -4.19 23.52 14.08
CA ASN A 414 -3.27 22.55 14.65
C ASN A 414 -3.63 22.30 16.12
N LEU A 415 -2.80 21.50 16.79
CA LEU A 415 -3.02 21.22 18.21
C LEU A 415 -2.88 22.49 19.05
N MET A 416 -1.92 23.35 18.70
CA MET A 416 -1.68 24.56 19.48
C MET A 416 -2.86 25.51 19.43
N ASP A 417 -3.46 25.69 18.25
CA ASP A 417 -4.62 26.56 18.12
C ASP A 417 -5.81 26.02 18.91
N LEU A 418 -6.04 24.70 18.83
CA LEU A 418 -7.14 24.11 19.58
C LEU A 418 -6.94 24.27 21.09
N ALA A 419 -5.71 24.05 21.56
CA ALA A 419 -5.42 24.26 22.97
C ALA A 419 -5.63 25.72 23.36
N ILE A 420 -5.25 26.65 22.49
CA ILE A 420 -5.48 28.07 22.74
C ILE A 420 -6.98 28.34 22.91
N ILE A 421 -7.79 27.79 22.01
CA ILE A 421 -9.23 28.04 22.06
C ILE A 421 -9.82 27.44 23.34
N GLU A 422 -9.43 26.21 23.68
CA GLU A 422 -9.97 25.59 24.88
C GLU A 422 -9.58 26.34 26.14
N GLY A 423 -8.31 26.77 26.24
CA GLY A 423 -7.89 27.53 27.39
C GLY A 423 -8.63 28.86 27.52
N ALA A 424 -8.77 29.57 26.40
CA ALA A 424 -9.48 30.85 26.44
C ALA A 424 -10.94 30.66 26.84
N GLU A 425 -11.58 29.63 26.31
CA GLU A 425 -12.97 29.37 26.67
C GLU A 425 -13.09 29.00 28.15
N ALA A 426 -12.15 28.20 28.66
CA ALA A 426 -12.19 27.82 30.07
C ALA A 426 -12.01 29.02 30.98
N LYS A 427 -11.14 29.95 30.61
CA LYS A 427 -10.85 31.10 31.46
C LYS A 427 -11.86 32.23 31.30
N GLN A 428 -12.87 32.07 30.45
CA GLN A 428 -13.87 33.10 30.25
C GLN A 428 -14.87 33.22 31.40
N ASP A 429 -14.97 32.19 32.25
CA ASP A 429 -15.97 32.20 33.31
C ASP A 429 -15.68 33.30 34.33
N LYS A 430 -14.41 33.50 34.70
CA LYS A 430 -14.04 34.46 35.72
C LYS A 430 -13.45 35.75 35.14
N ASN A 431 -12.86 35.69 33.96
CA ASN A 431 -12.22 36.87 33.38
C ASN A 431 -13.19 37.60 32.48
N PRO A 432 -13.54 38.86 32.78
CA PRO A 432 -14.41 39.63 31.87
C PRO A 432 -13.69 40.11 30.63
N GLU A 433 -12.36 40.14 30.63
CA GLU A 433 -11.62 40.57 29.45
C GLU A 433 -11.81 39.60 28.28
N LEU A 434 -11.89 38.31 28.57
CA LEU A 434 -12.02 37.29 27.53
C LEU A 434 -13.46 37.05 27.10
N GLY A 435 -14.43 37.68 27.74
CA GLY A 435 -15.82 37.41 27.43
C GLY A 435 -16.23 38.06 26.12
N GLY A 436 -16.95 37.31 25.29
CA GLY A 436 -17.52 37.87 24.07
C GLY A 436 -16.54 38.17 22.97
N LEU A 437 -15.37 37.53 22.96
CA LEU A 437 -14.39 37.80 21.91
C LEU A 437 -14.76 37.16 20.58
N SER A 438 -15.62 36.15 20.58
CA SER A 438 -15.97 35.43 19.37
C SER A 438 -17.14 36.04 18.61
N SER A 439 -17.70 37.14 19.11
CA SER A 439 -18.86 37.76 18.46
C SER A 439 -18.70 39.24 18.17
N LYS A 440 -17.79 39.95 18.82
CA LYS A 440 -17.61 41.38 18.62
C LYS A 440 -16.45 41.71 17.69
N TYR A 441 -15.88 40.71 17.03
CA TYR A 441 -14.73 40.91 16.15
C TYR A 441 -14.96 40.20 14.83
N THR A 442 -14.37 40.75 13.77
CA THR A 442 -14.53 40.24 12.42
C THR A 442 -13.19 40.29 11.69
N LYS A 443 -12.86 39.21 10.99
CA LYS A 443 -11.64 39.18 10.19
C LYS A 443 -11.83 39.93 8.88
N VAL A 444 -10.80 40.67 8.47
CA VAL A 444 -10.87 41.44 7.23
C VAL A 444 -9.78 40.99 6.27
N ASP A 445 -8.67 40.50 6.82
CA ASP A 445 -7.55 40.07 5.98
C ASP A 445 -6.70 39.09 6.77
N GLU A 446 -5.88 38.33 6.05
CA GLU A 446 -5.09 37.27 6.68
C GLU A 446 -3.97 36.84 5.73
N ILE A 447 -2.82 36.52 6.30
CA ILE A 447 -1.69 35.94 5.57
C ILE A 447 -1.42 34.58 6.18
N PRO A 448 -1.48 33.49 5.40
CA PRO A 448 -1.41 32.15 5.96
C PRO A 448 0.01 31.77 6.35
N PHE A 449 0.11 30.62 7.03
CA PHE A 449 1.41 30.10 7.45
C PHE A 449 2.21 29.60 6.26
N ASP A 450 3.53 29.78 6.33
CA ASP A 450 4.43 29.27 5.31
C ASP A 450 5.76 28.96 5.97
N PHE A 451 6.42 27.90 5.48
CA PHE A 451 7.65 27.42 6.10
C PHE A 451 8.84 28.32 5.85
N GLU A 452 8.75 29.26 4.89
CA GLU A 452 9.84 30.19 4.66
C GLU A 452 9.84 31.35 5.64
N ARG A 453 8.74 31.55 6.37
CA ARG A 453 8.62 32.70 7.26
C ARG A 453 8.17 32.26 8.64
N ARG A 454 7.39 31.17 8.70
CA ARG A 454 6.97 30.55 9.96
C ARG A 454 6.19 31.51 10.85
N ARG A 455 5.33 32.33 10.24
CA ARG A 455 4.45 33.22 10.98
C ARG A 455 3.07 33.22 10.33
N MET A 456 2.07 33.55 11.14
CA MET A 456 0.70 33.71 10.67
C MET A 456 0.16 35.04 11.16
N SER A 457 -0.47 35.79 10.28
CA SER A 457 -1.01 37.11 10.61
C SER A 457 -2.48 37.17 10.24
N VAL A 458 -3.28 37.71 11.16
CA VAL A 458 -4.72 37.91 10.94
C VAL A 458 -5.06 39.34 11.35
N VAL A 459 -5.76 40.04 10.46
CA VAL A 459 -6.23 41.39 10.74
C VAL A 459 -7.66 41.29 11.26
N VAL A 460 -7.90 41.85 12.45
CA VAL A 460 -9.19 41.73 13.13
C VAL A 460 -9.76 43.13 13.33
N LYS A 461 -11.03 43.29 12.95
CA LYS A 461 -11.74 44.55 13.10
C LYS A 461 -12.95 44.34 14.00
N SER A 462 -13.16 45.26 14.94
CA SER A 462 -14.28 45.17 15.86
C SER A 462 -15.60 45.35 15.11
N ASN A 463 -16.59 44.53 15.49
CA ASN A 463 -17.89 44.55 14.86
C ASN A 463 -18.91 45.40 15.62
N THR A 464 -18.53 45.96 16.77
CA THR A 464 -19.45 46.70 17.62
C THR A 464 -19.19 48.20 17.64
N ASN A 465 -18.36 48.70 16.73
CA ASN A 465 -18.05 50.13 16.70
C ASN A 465 -18.16 50.73 15.30
N GLY A 466 -18.53 49.95 14.31
CA GLY A 466 -18.77 50.52 12.98
C GLY A 466 -17.48 50.84 12.26
N ALA A 467 -17.49 51.95 11.51
CA ALA A 467 -16.33 52.32 10.71
C ALA A 467 -15.15 52.75 11.58
N THR A 468 -15.43 53.40 12.71
CA THR A 468 -14.40 53.85 13.63
C THR A 468 -13.94 52.74 14.57
N SER A 469 -14.17 51.48 14.21
CA SER A 469 -13.87 50.35 15.08
C SER A 469 -12.39 50.12 15.29
N LYS A 470 -11.55 50.57 14.35
CA LYS A 470 -10.10 50.48 14.42
C LYS A 470 -9.66 49.02 14.23
N THR A 471 -8.58 48.81 13.47
CA THR A 471 -8.17 47.47 13.06
C THR A 471 -6.88 47.09 13.75
N GLN A 472 -6.79 45.83 14.15
CA GLN A 472 -5.70 45.33 14.96
C GLN A 472 -5.08 44.10 14.31
N MET A 473 -3.82 44.21 13.89
CA MET A 473 -3.09 43.09 13.35
C MET A 473 -2.61 42.20 14.50
N ILE A 474 -2.72 40.89 14.32
CA ILE A 474 -2.25 39.92 15.31
C ILE A 474 -1.40 38.90 14.58
N THR A 475 -0.17 38.71 15.05
CA THR A 475 0.79 37.80 14.42
C THR A 475 1.25 36.78 15.44
N LYS A 476 1.37 35.52 14.99
CA LYS A 476 1.72 34.40 15.84
C LYS A 476 2.72 33.52 15.12
N GLY A 477 3.80 33.15 15.80
CA GLY A 477 4.80 32.33 15.15
C GLY A 477 5.93 31.98 16.09
N ALA A 478 6.94 31.31 15.51
CA ALA A 478 8.08 30.86 16.29
C ALA A 478 8.89 32.05 16.81
N ALA A 479 9.56 31.83 17.95
CA ALA A 479 10.22 32.93 18.65
C ALA A 479 11.31 33.55 17.81
N GLU A 480 12.14 32.73 17.16
CA GLU A 480 13.28 33.26 16.41
C GLU A 480 12.82 34.14 15.25
N GLU A 481 11.81 33.68 14.51
CA GLU A 481 11.30 34.49 13.41
C GLU A 481 10.48 35.66 13.90
N MET A 482 9.78 35.50 15.03
CA MET A 482 8.95 36.58 15.55
C MET A 482 9.77 37.68 16.21
N LEU A 483 11.03 37.41 16.55
CA LEU A 483 11.88 38.44 17.12
C LEU A 483 12.53 39.34 16.07
N ASP A 484 12.39 39.01 14.79
CA ASP A 484 13.04 39.77 13.73
C ASP A 484 12.16 40.86 13.14
N ILE A 485 10.91 41.01 13.62
CA ILE A 485 10.00 41.97 13.04
C ILE A 485 9.43 42.87 14.12
N CYS A 486 9.72 42.56 15.38
CA CYS A 486 9.23 43.35 16.50
C CYS A 486 10.27 44.38 16.91
N THR A 487 9.85 45.63 17.09
CA THR A 487 10.71 46.69 17.56
C THR A 487 10.26 47.25 18.91
N LEU A 488 9.12 46.81 19.43
CA LEU A 488 8.62 47.26 20.71
C LEU A 488 8.13 46.06 21.52
N VAL A 489 8.12 46.20 22.83
CA VAL A 489 7.73 45.13 23.74
C VAL A 489 6.84 45.71 24.83
N GLU A 490 5.73 45.04 25.10
CA GLU A 490 4.81 45.43 26.17
C GLU A 490 5.29 44.81 27.48
N ASP A 491 5.89 45.64 28.33
CA ASP A 491 6.44 45.19 29.61
C ASP A 491 5.92 46.07 30.73
N LYS A 492 5.42 45.42 31.79
CA LYS A 492 4.92 46.11 32.98
C LYS A 492 3.80 47.09 32.63
N GLY A 493 2.96 46.74 31.65
CA GLY A 493 1.87 47.59 31.25
C GLY A 493 2.26 48.75 30.37
N ASN A 494 3.50 48.80 29.90
CA ASN A 494 3.98 49.88 29.04
C ASN A 494 4.86 49.30 27.95
N VAL A 495 4.99 50.06 26.87
CA VAL A 495 5.76 49.63 25.70
C VAL A 495 7.14 50.24 25.77
N VAL A 496 8.17 49.43 25.54
CA VAL A 496 9.56 49.87 25.53
C VAL A 496 10.20 49.43 24.23
N HIS A 497 11.32 50.09 23.91
CA HIS A 497 12.05 49.76 22.69
C HIS A 497 12.76 48.42 22.85
N LEU A 498 13.04 47.77 21.72
CA LEU A 498 13.66 46.45 21.70
C LEU A 498 15.15 46.59 21.41
N THR A 499 15.96 46.50 22.46
CA THR A 499 17.41 46.49 22.37
C THR A 499 17.91 45.07 22.13
N PRO A 500 19.13 44.90 21.62
CA PRO A 500 19.69 43.55 21.49
C PRO A 500 19.75 42.80 22.80
N GLU A 501 19.94 43.49 23.93
CA GLU A 501 19.94 42.83 25.22
C GLU A 501 18.59 42.20 25.52
N LEU A 502 17.50 42.92 25.25
CA LEU A 502 16.18 42.35 25.46
C LEU A 502 15.93 41.17 24.53
N ARG A 503 16.40 41.24 23.29
CA ARG A 503 16.24 40.13 22.37
C ARG A 503 16.99 38.89 22.87
N ALA A 504 18.22 39.09 23.37
CA ALA A 504 18.98 37.97 23.92
C ALA A 504 18.29 37.39 25.14
N TYR A 505 17.74 38.24 26.01
CA TYR A 505 17.03 37.76 27.19
C TYR A 505 15.79 36.96 26.79
N ILE A 506 15.05 37.45 25.80
CA ILE A 506 13.86 36.74 25.32
C ILE A 506 14.24 35.38 24.76
N LEU A 507 15.31 35.34 23.96
CA LEU A 507 15.74 34.07 23.38
C LEU A 507 16.20 33.12 24.48
N LYS A 508 16.87 33.64 25.52
CA LYS A 508 17.26 32.79 26.64
C LYS A 508 16.06 32.21 27.34
N LYS A 509 15.03 33.03 27.59
CA LYS A 509 13.81 32.52 28.22
C LYS A 509 13.14 31.48 27.35
N VAL A 510 13.10 31.71 26.03
CA VAL A 510 12.48 30.76 25.12
C VAL A 510 13.23 29.43 25.12
N ASP A 511 14.56 29.48 25.10
CA ASP A 511 15.35 28.26 25.16
C ASP A 511 15.15 27.53 26.48
N GLU A 512 15.09 28.27 27.59
CA GLU A 512 14.86 27.64 28.88
C GLU A 512 13.50 26.95 28.92
N LEU A 513 12.47 27.57 28.34
CA LEU A 513 11.17 26.91 28.25
C LEU A 513 11.23 25.70 27.35
N ASN A 514 11.99 25.77 26.25
CA ASN A 514 12.13 24.62 25.37
C ASN A 514 12.91 23.49 26.01
N GLU A 515 13.67 23.77 27.07
CA GLU A 515 14.47 22.72 27.70
C GLU A 515 13.58 21.61 28.26
N GLU A 516 12.49 21.98 28.92
CA GLU A 516 11.62 20.97 29.52
C GLU A 516 10.73 20.27 28.50
N GLY A 517 10.67 20.76 27.26
CA GLY A 517 9.87 20.13 26.22
C GLY A 517 8.65 20.90 25.80
N MET A 518 8.41 22.08 26.37
CA MET A 518 7.26 22.87 25.97
C MET A 518 7.51 23.56 24.63
N ARG A 519 6.48 23.62 23.80
CA ARG A 519 6.56 24.31 22.52
C ARG A 519 6.23 25.78 22.74
N VAL A 520 7.12 26.67 22.28
CA VAL A 520 7.04 28.09 22.59
C VAL A 520 6.56 28.85 21.37
N ILE A 521 5.63 29.78 21.59
CA ILE A 521 5.08 30.63 20.55
C ILE A 521 5.03 32.07 21.07
N LEU A 522 5.43 33.02 20.22
CA LEU A 522 5.34 34.43 20.53
C LEU A 522 4.12 35.04 19.83
N VAL A 523 3.55 36.06 20.46
CA VAL A 523 2.36 36.74 19.95
C VAL A 523 2.62 38.24 19.94
N ALA A 524 2.30 38.90 18.83
CA ALA A 524 2.52 40.34 18.68
C ALA A 524 1.29 40.98 18.06
N GLN A 525 1.17 42.29 18.26
CA GLN A 525 0.05 43.06 17.73
C GLN A 525 0.56 44.33 17.04
N LYS A 526 -0.26 44.86 16.14
CA LYS A 526 0.08 46.11 15.46
C LYS A 526 -1.21 46.87 15.18
N THR A 527 -1.12 48.20 15.27
CA THR A 527 -2.26 49.08 15.02
C THR A 527 -1.74 50.47 14.68
N ASN A 528 -2.13 50.99 13.52
CA ASN A 528 -3.02 50.34 12.58
C ASN A 528 -2.25 49.69 11.44
N PRO A 529 -2.76 48.57 10.93
CA PRO A 529 -2.14 47.93 9.76
C PRO A 529 -2.43 48.72 8.50
N SER A 530 -1.70 48.37 7.44
CA SER A 530 -1.92 48.97 6.14
C SER A 530 -3.29 48.54 5.60
N PRO A 531 -3.87 49.34 4.70
CA PRO A 531 -5.16 48.95 4.12
C PRO A 531 -5.08 47.61 3.41
N ILE A 532 -6.22 46.91 3.41
CA ILE A 532 -6.27 45.55 2.87
C ILE A 532 -5.91 45.49 1.39
N ASP A 533 -5.97 46.60 0.67
CA ASP A 533 -5.55 46.61 -0.73
C ASP A 533 -4.04 46.50 -0.88
N THR A 534 -3.27 46.82 0.17
CA THR A 534 -1.81 46.80 0.10
C THR A 534 -1.21 46.01 1.26
N PHE A 535 -2.02 45.24 1.99
CA PHE A 535 -1.52 44.46 3.11
C PHE A 535 -0.80 43.23 2.59
N SER A 536 0.53 43.19 2.79
CA SER A 536 1.33 42.08 2.31
C SER A 536 2.35 41.66 3.35
N VAL A 537 3.29 40.78 2.96
CA VAL A 537 4.31 40.32 3.88
C VAL A 537 5.19 41.48 4.34
N GLN A 538 5.35 42.50 3.50
CA GLN A 538 6.19 43.63 3.85
C GLN A 538 5.61 44.45 4.98
N ASP A 539 4.32 44.27 5.30
CA ASP A 539 3.68 45.06 6.34
C ASP A 539 3.99 44.56 7.75
N GLU A 540 4.52 43.35 7.89
CA GLU A 540 4.82 42.79 9.21
C GLU A 540 6.11 43.42 9.73
N SER A 541 5.95 44.55 10.40
CA SER A 541 7.07 45.22 11.04
C SER A 541 6.55 46.10 12.17
N GLU A 542 7.45 46.43 13.10
CA GLU A 542 7.16 47.34 14.21
C GLU A 542 6.00 46.86 15.08
N MET A 543 5.88 45.55 15.23
CA MET A 543 4.88 45.00 16.13
C MET A 543 5.37 45.04 17.58
N VAL A 544 4.43 45.12 18.50
CA VAL A 544 4.71 45.09 19.93
C VAL A 544 4.44 43.68 20.45
N LEU A 545 5.33 43.17 21.29
CA LEU A 545 5.30 41.77 21.70
C LEU A 545 4.62 41.61 23.05
N MET A 546 3.65 40.70 23.12
CA MET A 546 2.93 40.39 24.36
C MET A 546 3.72 39.43 25.24
N GLY A 547 3.97 38.21 24.76
CA GLY A 547 4.62 37.21 25.57
C GLY A 547 4.60 35.87 24.86
N TYR A 548 4.91 34.83 25.64
CA TYR A 548 5.02 33.48 25.11
C TYR A 548 3.73 32.71 25.30
N LEU A 549 3.66 31.54 24.66
CA LEU A 549 2.62 30.56 24.89
C LEU A 549 3.26 29.19 24.91
N ALA A 550 3.24 28.52 26.05
CA ALA A 550 3.89 27.24 26.24
C ALA A 550 2.84 26.13 26.26
N PHE A 551 3.04 25.12 25.42
CA PHE A 551 2.17 23.95 25.37
C PHE A 551 2.98 22.70 25.64
N LEU A 552 2.45 21.83 26.50
CA LEU A 552 3.10 20.57 26.83
C LEU A 552 2.48 19.46 26.00
N ASP A 553 3.31 18.75 25.24
CA ASP A 553 2.85 17.68 24.36
C ASP A 553 3.45 16.35 24.84
N PRO A 554 2.71 15.57 25.62
CA PRO A 554 3.28 14.35 26.19
C PRO A 554 3.17 13.19 25.22
N PRO A 555 4.12 12.26 25.26
CA PRO A 555 4.04 11.09 24.37
C PRO A 555 3.04 10.07 24.88
N LYS A 556 2.56 9.25 23.95
CA LYS A 556 1.60 8.21 24.30
C LYS A 556 2.27 7.15 25.17
N GLU A 557 1.45 6.48 25.99
CA GLU A 557 1.98 5.45 26.88
C GLU A 557 2.51 4.26 26.09
N SER A 558 1.92 3.96 24.94
CA SER A 558 2.30 2.81 24.14
C SER A 558 3.35 3.12 23.09
N THR A 559 3.90 4.34 23.07
CA THR A 559 4.87 4.69 22.05
C THR A 559 6.15 3.87 22.19
N ALA A 560 6.64 3.69 23.42
CA ALA A 560 7.90 2.98 23.62
C ALA A 560 7.77 1.52 23.21
N LYS A 561 6.69 0.86 23.60
CA LYS A 561 6.49 -0.54 23.24
C LYS A 561 6.35 -0.70 21.73
N ALA A 562 5.61 0.20 21.08
CA ALA A 562 5.46 0.12 19.63
C ALA A 562 6.79 0.34 18.93
N ILE A 563 7.60 1.29 19.42
CA ILE A 563 8.90 1.54 18.81
C ILE A 563 9.80 0.31 18.96
N LYS A 564 9.80 -0.30 20.15
CA LYS A 564 10.61 -1.50 20.34
C LYS A 564 10.13 -2.64 19.45
N ALA A 565 8.81 -2.81 19.30
CA ALA A 565 8.29 -3.85 18.44
C ALA A 565 8.69 -3.61 16.99
N LEU A 566 8.61 -2.35 16.53
CA LEU A 566 9.03 -2.04 15.16
C LEU A 566 10.51 -2.31 14.96
N ASN A 567 11.35 -1.92 15.94
CA ASN A 567 12.77 -2.19 15.83
C ASN A 567 13.08 -3.69 15.90
N LYS A 568 12.19 -4.48 16.49
CA LYS A 568 12.37 -5.93 16.48
C LYS A 568 12.26 -6.49 15.07
N TYR A 569 11.36 -5.93 14.26
CA TYR A 569 11.11 -6.42 12.91
C TYR A 569 12.00 -5.76 11.87
N GLY A 570 13.16 -5.25 12.28
CA GLY A 570 14.10 -4.69 11.33
C GLY A 570 13.74 -3.33 10.79
N VAL A 571 12.70 -2.70 11.30
CA VAL A 571 12.24 -1.40 10.81
C VAL A 571 12.83 -0.33 11.72
N SER A 572 13.80 0.41 11.21
CA SER A 572 14.40 1.51 11.97
C SER A 572 13.54 2.75 11.82
N VAL A 573 13.28 3.43 12.94
CA VAL A 573 12.41 4.61 12.96
C VAL A 573 13.29 5.85 13.05
N LYS A 574 13.15 6.72 12.05
CA LYS A 574 13.81 8.01 12.04
C LYS A 574 12.77 9.11 12.05
N ILE A 575 13.10 10.24 12.65
CA ILE A 575 12.16 11.33 12.85
C ILE A 575 12.65 12.55 12.07
N LEU A 576 11.76 13.13 11.27
CA LEU A 576 12.05 14.32 10.47
C LEU A 576 11.13 15.45 10.96
N THR A 577 11.61 16.20 11.94
CA THR A 577 10.85 17.27 12.55
C THR A 577 11.29 18.63 12.01
N GLY A 578 10.34 19.56 11.99
CA GLY A 578 10.60 20.96 11.72
C GLY A 578 10.64 21.84 12.96
N ASP A 579 10.45 21.26 14.13
CA ASP A 579 10.42 22.01 15.38
C ASP A 579 11.83 22.18 15.93
N ASN A 580 11.92 22.76 17.13
CA ASN A 580 13.20 22.93 17.79
C ASN A 580 13.81 21.58 18.13
N ASP A 581 15.14 21.51 18.08
CA ASP A 581 15.82 20.25 18.35
C ASP A 581 15.74 19.87 19.82
N LYS A 582 15.59 20.85 20.72
CA LYS A 582 15.50 20.53 22.14
C LYS A 582 14.24 19.75 22.46
N VAL A 583 13.10 20.16 21.88
CA VAL A 583 11.85 19.46 22.14
C VAL A 583 11.91 18.03 21.58
N THR A 584 12.45 17.87 20.38
CA THR A 584 12.58 16.54 19.80
C THR A 584 13.50 15.66 20.63
N ARG A 585 14.60 16.24 21.13
CA ARG A 585 15.50 15.50 22.00
C ARG A 585 14.80 15.08 23.29
N SER A 586 14.00 15.98 23.86
CA SER A 586 13.26 15.65 25.08
C SER A 586 12.27 14.52 24.84
N VAL A 587 11.57 14.55 23.70
CA VAL A 587 10.63 13.48 23.39
C VAL A 587 11.37 12.16 23.19
N CYS A 588 12.49 12.19 22.44
CA CYS A 588 13.23 10.97 22.18
C CYS A 588 13.86 10.40 23.45
N LYS A 589 14.17 11.26 24.42
CA LYS A 589 14.70 10.76 25.69
C LYS A 589 13.69 9.89 26.40
N GLN A 590 12.41 10.30 26.40
CA GLN A 590 11.37 9.50 27.02
C GLN A 590 11.01 8.28 26.19
N VAL A 591 10.92 8.44 24.87
CA VAL A 591 10.49 7.32 24.02
C VAL A 591 11.54 6.23 24.01
N GLY A 592 12.82 6.59 23.82
CA GLY A 592 13.88 5.60 23.86
C GLY A 592 14.85 5.67 22.70
N LEU A 593 14.52 6.47 21.69
CA LEU A 593 15.40 6.61 20.53
C LEU A 593 16.67 7.33 20.93
N PRO A 594 17.78 7.09 20.22
CA PRO A 594 19.05 7.76 20.58
C PRO A 594 18.93 9.27 20.47
N VAL A 595 19.60 9.96 21.40
CA VAL A 595 19.58 11.41 21.45
C VAL A 595 20.97 12.03 21.33
N ASP A 596 22.03 11.22 21.34
CA ASP A 596 23.38 11.78 21.27
C ASP A 596 23.63 12.47 19.93
N LYS A 597 23.07 11.93 18.85
CA LYS A 597 23.29 12.48 17.51
C LYS A 597 22.01 13.16 17.04
N THR A 598 22.11 14.45 16.73
CA THR A 598 20.99 15.24 16.22
C THR A 598 21.49 16.09 15.06
N ILE A 599 20.75 16.08 13.95
CA ILE A 599 21.15 16.75 12.73
C ILE A 599 20.12 17.84 12.42
N LEU A 600 20.61 19.05 12.16
CA LEU A 600 19.78 20.18 11.80
C LEU A 600 19.77 20.37 10.28
N GLY A 601 18.88 21.26 9.83
CA GLY A 601 18.74 21.50 8.40
C GLY A 601 19.96 22.15 7.77
N SER A 602 20.59 23.08 8.49
CA SER A 602 21.74 23.81 7.93
C SER A 602 22.90 22.87 7.62
N ASP A 603 23.17 21.92 8.51
CA ASP A 603 24.27 20.98 8.27
C ASP A 603 24.02 20.15 7.01
N ILE A 604 22.78 19.68 6.83
CA ILE A 604 22.45 18.92 5.63
C ILE A 604 22.57 19.82 4.40
N ASP A 605 22.19 21.09 4.53
CA ASP A 605 22.32 22.01 3.39
C ASP A 605 23.78 22.23 3.02
N GLN A 606 24.69 22.23 4.00
CA GLN A 606 26.09 22.52 3.74
C GLN A 606 26.92 21.28 3.46
N LEU A 607 26.33 20.08 3.47
CA LEU A 607 27.06 18.85 3.23
C LEU A 607 26.48 18.09 2.06
N ASP A 608 27.33 17.40 1.32
CA ASP A 608 26.99 16.81 0.03
C ASP A 608 26.26 15.47 0.20
N ASP A 609 25.76 14.96 -0.93
CA ASP A 609 24.92 13.76 -0.91
C ASP A 609 25.70 12.53 -0.46
N ASN A 610 26.95 12.40 -0.92
CA ASN A 610 27.74 11.21 -0.59
C ASN A 610 27.95 11.09 0.92
N GLU A 611 28.26 12.20 1.58
CA GLU A 611 28.34 12.19 3.04
C GLU A 611 26.95 12.16 3.66
N LEU A 612 25.95 12.67 2.95
CA LEU A 612 24.58 12.69 3.47
C LEU A 612 24.05 11.28 3.68
N ALA A 613 24.36 10.37 2.75
CA ALA A 613 23.91 8.99 2.91
C ALA A 613 24.43 8.38 4.20
N ALA A 614 25.74 8.52 4.44
CA ALA A 614 26.33 7.95 5.65
C ALA A 614 25.80 8.62 6.90
N VAL A 615 25.70 9.95 6.89
CA VAL A 615 25.29 10.66 8.10
C VAL A 615 23.83 10.40 8.42
N ALA A 616 23.00 10.16 7.40
CA ALA A 616 21.61 9.83 7.64
C ALA A 616 21.45 8.38 8.08
N ALA A 617 22.25 7.47 7.53
CA ALA A 617 22.18 6.08 7.95
C ALA A 617 22.70 5.91 9.38
N ALA A 618 23.60 6.79 9.81
CA ALA A 618 24.17 6.67 11.15
C ALA A 618 23.42 7.48 12.21
N ALA A 619 22.34 8.18 11.83
CA ALA A 619 21.59 9.01 12.76
C ALA A 619 20.13 8.60 12.80
N SER A 620 19.42 9.14 13.79
CA SER A 620 17.99 8.86 13.96
C SER A 620 17.14 10.09 14.23
N VAL A 621 17.72 11.23 14.54
CA VAL A 621 16.96 12.44 14.87
C VAL A 621 17.36 13.53 13.89
N PHE A 622 16.36 14.11 13.22
CA PHE A 622 16.55 15.25 12.34
C PHE A 622 15.57 16.35 12.75
N ALA A 623 16.08 17.56 12.88
CA ALA A 623 15.28 18.68 13.35
C ALA A 623 15.52 19.90 12.48
N LYS A 624 14.60 20.87 12.57
CA LYS A 624 14.67 22.11 11.81
C LYS A 624 14.73 21.85 10.31
N LEU A 625 13.87 20.96 9.83
CA LEU A 625 13.88 20.55 8.43
C LEU A 625 12.80 21.25 7.64
N SER A 626 13.19 21.78 6.48
CA SER A 626 12.24 22.24 5.49
C SER A 626 11.70 21.04 4.70
N PRO A 627 10.51 21.18 4.11
CA PRO A 627 9.94 20.04 3.36
C PRO A 627 10.85 19.51 2.26
N GLN A 628 11.53 20.41 1.54
CA GLN A 628 12.48 19.95 0.52
C GLN A 628 13.65 19.21 1.15
N GLN A 629 14.09 19.63 2.34
CA GLN A 629 15.13 18.90 3.04
C GLN A 629 14.66 17.50 3.44
N LYS A 630 13.40 17.39 3.89
CA LYS A 630 12.85 16.07 4.20
C LYS A 630 12.82 15.18 2.96
N ALA A 631 12.41 15.74 1.83
CA ALA A 631 12.39 14.97 0.58
C ALA A 631 13.80 14.54 0.20
N ARG A 632 14.77 15.43 0.36
CA ARG A 632 16.16 15.08 0.05
C ARG A 632 16.67 13.96 0.95
N ILE A 633 16.34 14.02 2.24
CA ILE A 633 16.77 12.97 3.16
C ILE A 633 16.15 11.63 2.79
N VAL A 634 14.86 11.64 2.46
CA VAL A 634 14.18 10.40 2.09
C VAL A 634 14.79 9.84 0.81
N THR A 635 15.04 10.70 -0.18
CA THR A 635 15.64 10.23 -1.43
C THR A 635 17.04 9.68 -1.20
N THR A 636 17.83 10.34 -0.35
CA THR A 636 19.18 9.86 -0.06
C THR A 636 19.15 8.51 0.63
N LEU A 637 18.24 8.33 1.60
CA LEU A 637 18.12 7.03 2.24
C LEU A 637 17.67 5.96 1.27
N ARG A 638 16.75 6.31 0.36
CA ARG A 638 16.31 5.36 -0.66
C ARG A 638 17.39 5.05 -1.68
N ASN A 639 18.37 5.93 -1.85
CA ASN A 639 19.42 5.71 -2.84
C ASN A 639 20.32 4.55 -2.46
N SER A 640 20.51 4.30 -1.17
CA SER A 640 21.35 3.22 -0.70
C SER A 640 20.66 1.86 -0.77
N GLY A 641 19.48 1.79 -1.41
CA GLY A 641 18.74 0.55 -1.52
C GLY A 641 17.76 0.29 -0.40
N ASN A 642 17.77 1.10 0.65
CA ASN A 642 16.83 0.91 1.75
C ASN A 642 15.42 1.28 1.31
N SER A 643 14.47 0.40 1.57
CA SER A 643 13.07 0.67 1.26
C SER A 643 12.50 1.58 2.35
N VAL A 644 12.41 2.87 2.07
CA VAL A 644 12.04 3.88 3.05
C VAL A 644 10.60 4.29 2.82
N GLY A 645 9.81 4.29 3.89
CA GLY A 645 8.43 4.76 3.83
C GLY A 645 8.27 5.99 4.69
N TYR A 646 7.49 6.95 4.21
CA TYR A 646 7.27 8.22 4.89
C TYR A 646 5.85 8.28 5.42
N MET A 647 5.71 8.75 6.66
CA MET A 647 4.42 8.93 7.29
C MET A 647 4.17 10.43 7.47
N GLY A 648 3.04 10.90 6.97
CA GLY A 648 2.73 12.32 7.04
C GLY A 648 1.25 12.55 6.83
N ASP A 649 0.80 13.74 7.25
CA ASP A 649 -0.61 14.10 7.11
C ASP A 649 -0.84 15.56 6.72
N GLY A 650 0.20 16.31 6.37
CA GLY A 650 0.08 17.70 6.02
C GLY A 650 0.33 17.98 4.55
N ILE A 651 0.04 19.22 4.16
CA ILE A 651 0.24 19.63 2.78
C ILE A 651 1.72 19.63 2.42
N ASN A 652 2.56 20.15 3.31
CA ASN A 652 3.98 20.27 3.02
C ASN A 652 4.71 18.94 3.01
N ASP A 653 4.07 17.87 3.46
CA ASP A 653 4.69 16.55 3.45
C ASP A 653 4.52 15.82 2.12
N ALA A 654 3.86 16.44 1.14
CA ALA A 654 3.57 15.76 -0.11
C ALA A 654 4.85 15.39 -0.87
N ALA A 655 5.86 16.27 -0.85
CA ALA A 655 7.11 15.95 -1.54
C ALA A 655 7.78 14.73 -0.93
N ALA A 656 7.83 14.66 0.41
CA ALA A 656 8.43 13.50 1.06
C ALA A 656 7.62 12.24 0.79
N MET A 657 6.29 12.35 0.81
CA MET A 657 5.46 11.18 0.54
C MET A 657 5.65 10.69 -0.89
N LYS A 658 5.79 11.59 -1.85
CA LYS A 658 6.01 11.21 -3.24
C LYS A 658 7.42 10.68 -3.48
N SER A 659 8.40 11.11 -2.68
CA SER A 659 9.78 10.67 -2.86
C SER A 659 10.10 9.37 -2.12
N SER A 660 9.16 8.86 -1.33
CA SER A 660 9.40 7.62 -0.58
C SER A 660 8.79 6.44 -1.32
N ASP A 661 9.35 5.25 -1.06
CA ASP A 661 8.85 4.03 -1.68
C ASP A 661 7.41 3.75 -1.26
N VAL A 662 7.11 3.92 0.02
CA VAL A 662 5.78 3.69 0.56
C VAL A 662 5.28 4.98 1.20
N GLY A 663 4.00 5.27 0.99
CA GLY A 663 3.39 6.45 1.60
C GLY A 663 2.29 6.09 2.56
N ILE A 664 2.37 6.61 3.79
CA ILE A 664 1.42 6.29 4.85
C ILE A 664 0.82 7.59 5.36
N SER A 665 -0.51 7.61 5.52
CA SER A 665 -1.20 8.77 6.07
C SER A 665 -2.31 8.28 7.00
N VAL A 666 -3.20 9.20 7.36
CA VAL A 666 -4.37 8.91 8.17
C VAL A 666 -5.61 9.32 7.39
N ASP A 667 -6.74 8.68 7.72
CA ASP A 667 -7.99 9.00 7.04
C ASP A 667 -8.44 10.42 7.30
N SER A 668 -7.99 11.04 8.38
CA SER A 668 -8.32 12.43 8.70
C SER A 668 -7.35 13.43 8.11
N ALA A 669 -6.35 12.98 7.35
CA ALA A 669 -5.36 13.87 6.79
C ALA A 669 -5.95 14.67 5.63
N VAL A 670 -5.16 15.62 5.14
CA VAL A 670 -5.57 16.39 3.98
C VAL A 670 -5.65 15.49 2.76
N ASP A 671 -6.40 15.95 1.75
CA ASP A 671 -6.63 15.12 0.56
C ASP A 671 -5.34 14.82 -0.18
N ILE A 672 -4.39 15.77 -0.19
CA ILE A 672 -3.14 15.55 -0.91
C ILE A 672 -2.32 14.45 -0.23
N ALA A 673 -2.28 14.45 1.09
CA ALA A 673 -1.54 13.40 1.80
C ALA A 673 -2.16 12.03 1.57
N LYS A 674 -3.49 11.94 1.58
CA LYS A 674 -4.16 10.67 1.32
C LYS A 674 -3.93 10.20 -0.11
N GLU A 675 -4.00 11.14 -1.07
CA GLU A 675 -3.87 10.76 -2.47
C GLU A 675 -2.48 10.23 -2.80
N SER A 676 -1.44 10.83 -2.22
CA SER A 676 -0.07 10.45 -2.51
C SER A 676 0.44 9.31 -1.65
N ALA A 677 -0.39 8.77 -0.77
CA ALA A 677 0.02 7.70 0.14
C ALA A 677 -0.35 6.34 -0.42
N ASP A 678 0.55 5.38 -0.27
CA ASP A 678 0.29 4.02 -0.71
C ASP A 678 -0.65 3.28 0.23
N VAL A 679 -0.61 3.61 1.53
CA VAL A 679 -1.42 2.95 2.54
C VAL A 679 -2.00 4.01 3.47
N ILE A 680 -3.29 3.88 3.78
CA ILE A 680 -4.00 4.83 4.64
C ILE A 680 -4.51 4.10 5.86
N LEU A 681 -4.20 4.64 7.04
CA LEU A 681 -4.64 4.07 8.30
C LEU A 681 -5.82 4.85 8.87
N LEU A 682 -6.69 4.14 9.56
CA LEU A 682 -7.82 4.80 10.24
C LEU A 682 -7.43 5.38 11.59
N GLU A 683 -6.28 4.99 12.14
CA GLU A 683 -5.77 5.51 13.40
C GLU A 683 -4.32 5.90 13.22
N LYS A 684 -3.91 6.98 13.89
CA LYS A 684 -2.53 7.47 13.78
C LYS A 684 -1.74 6.92 14.94
N ASP A 685 -1.16 5.74 14.76
CA ASP A 685 -0.33 5.10 15.78
C ASP A 685 0.58 4.09 15.09
N LEU A 686 1.52 3.57 15.86
CA LEU A 686 2.54 2.67 15.33
C LEU A 686 2.17 1.20 15.41
N MET A 687 1.30 0.82 16.36
CA MET A 687 0.91 -0.58 16.47
C MET A 687 0.15 -1.05 15.24
N VAL A 688 -0.72 -0.20 14.70
CA VAL A 688 -1.45 -0.55 13.49
C VAL A 688 -0.49 -0.73 12.32
N LEU A 689 0.51 0.14 12.21
CA LEU A 689 1.52 0.00 11.17
C LEU A 689 2.30 -1.30 11.34
N GLU A 690 2.64 -1.66 12.57
CA GLU A 690 3.34 -2.92 12.81
C GLU A 690 2.50 -4.11 12.39
N LYS A 691 1.20 -4.09 12.73
CA LYS A 691 0.33 -5.19 12.33
C LYS A 691 0.20 -5.27 10.81
N GLY A 692 0.12 -4.11 10.14
CA GLY A 692 0.09 -4.12 8.68
C GLY A 692 1.34 -4.69 8.07
N ILE A 693 2.50 -4.34 8.63
CA ILE A 693 3.77 -4.88 8.14
C ILE A 693 3.79 -6.39 8.34
N ILE A 694 3.35 -6.86 9.51
CA ILE A 694 3.34 -8.29 9.79
C ILE A 694 2.46 -9.02 8.80
N GLU A 695 1.27 -8.48 8.51
CA GLU A 695 0.37 -9.13 7.56
C GLU A 695 0.95 -9.12 6.16
N GLY A 696 1.59 -8.01 5.76
CA GLY A 696 2.19 -7.94 4.45
C GLY A 696 3.29 -8.96 4.25
N ARG A 697 4.09 -9.18 5.29
CA ARG A 697 5.13 -10.21 5.21
C ARG A 697 4.52 -11.61 5.25
N LYS A 698 3.45 -11.78 6.04
CA LYS A 698 2.80 -13.07 6.16
C LYS A 698 2.22 -13.53 4.83
N THR A 699 1.65 -12.60 4.07
CA THR A 699 1.07 -12.97 2.78
C THR A 699 2.12 -13.60 1.87
N TYR A 700 3.26 -12.94 1.71
CA TYR A 700 4.33 -13.49 0.86
C TYR A 700 4.87 -14.78 1.44
N ALA A 701 5.01 -14.84 2.76
CA ALA A 701 5.52 -16.07 3.38
C ALA A 701 4.65 -17.26 3.03
N ASN A 702 3.32 -17.11 3.17
CA ASN A 702 2.41 -18.20 2.86
C ASN A 702 2.42 -18.52 1.38
N MET A 703 2.47 -17.49 0.52
CA MET A 703 2.48 -17.74 -0.92
C MET A 703 3.70 -18.55 -1.33
N ILE A 704 4.89 -18.13 -0.87
CA ILE A 704 6.10 -18.85 -1.23
C ILE A 704 6.11 -20.24 -0.59
N LYS A 705 5.53 -20.39 0.60
CA LYS A 705 5.45 -21.70 1.22
C LYS A 705 4.64 -22.66 0.36
N TYR A 706 3.45 -22.23 -0.07
CA TYR A 706 2.63 -23.07 -0.92
C TYR A 706 3.33 -23.38 -2.24
N ILE A 707 3.96 -22.38 -2.84
CA ILE A 707 4.61 -22.58 -4.13
C ILE A 707 5.71 -23.63 -4.01
N LYS A 708 6.57 -23.49 -3.01
CA LYS A 708 7.67 -24.43 -2.84
C LYS A 708 7.15 -25.84 -2.54
N MET A 709 6.16 -25.94 -1.66
CA MET A 709 5.61 -27.26 -1.31
C MET A 709 5.04 -27.95 -2.52
N THR A 710 4.17 -27.27 -3.27
CA THR A 710 3.54 -27.88 -4.43
C THR A 710 4.57 -28.22 -5.50
N ALA A 711 5.56 -27.34 -5.71
CA ALA A 711 6.58 -27.60 -6.72
C ALA A 711 7.37 -28.85 -6.38
N SER A 712 7.81 -28.98 -5.13
CA SER A 712 8.57 -30.16 -4.74
C SER A 712 7.72 -31.43 -4.82
N SER A 713 6.46 -31.34 -4.39
CA SER A 713 5.58 -32.50 -4.44
C SER A 713 5.36 -32.98 -5.86
N ASN A 714 5.16 -32.05 -6.80
CA ASN A 714 5.00 -32.44 -8.19
C ASN A 714 6.30 -33.01 -8.76
N PHE A 715 7.44 -32.39 -8.43
CA PHE A 715 8.70 -32.83 -9.02
C PHE A 715 9.05 -34.25 -8.58
N GLY A 716 8.79 -34.58 -7.31
CA GLY A 716 9.09 -35.93 -6.86
C GLY A 716 8.33 -36.99 -7.64
N ASN A 717 7.02 -36.78 -7.81
CA ASN A 717 6.20 -37.75 -8.53
C ASN A 717 6.62 -37.84 -9.99
N MET A 718 6.88 -36.71 -10.63
CA MET A 718 7.27 -36.75 -12.05
C MET A 718 8.64 -37.38 -12.23
N PHE A 719 9.56 -37.16 -11.31
CA PHE A 719 10.85 -37.84 -11.39
C PHE A 719 10.68 -39.34 -11.21
N SER A 720 9.76 -39.75 -10.33
CA SER A 720 9.46 -41.17 -10.20
C SER A 720 8.94 -41.76 -11.50
N VAL A 721 8.01 -41.05 -12.15
CA VAL A 721 7.47 -41.54 -13.42
C VAL A 721 8.58 -41.61 -14.47
N LEU A 722 9.50 -40.65 -14.46
CA LEU A 722 10.63 -40.69 -15.38
C LEU A 722 11.52 -41.90 -15.13
N ILE A 723 11.83 -42.18 -13.87
CA ILE A 723 12.76 -43.28 -13.56
C ILE A 723 12.12 -44.62 -13.89
N ALA A 724 10.88 -44.84 -13.44
CA ALA A 724 10.23 -46.13 -13.58
C ALA A 724 9.50 -46.28 -14.91
N SER A 725 9.75 -45.40 -15.88
CA SER A 725 9.08 -45.51 -17.18
C SER A 725 9.63 -46.68 -17.98
N ALA A 726 10.96 -46.83 -18.00
CA ALA A 726 11.59 -47.88 -18.80
C ALA A 726 11.47 -49.26 -18.18
N PHE A 727 11.15 -49.36 -16.89
CA PHE A 727 11.04 -50.65 -16.23
C PHE A 727 9.61 -51.16 -16.13
N LEU A 728 8.62 -50.26 -16.10
CA LEU A 728 7.23 -50.66 -15.97
C LEU A 728 6.64 -51.05 -17.33
N PRO A 729 5.82 -52.10 -17.37
CA PRO A 729 5.19 -52.51 -18.64
C PRO A 729 3.97 -51.70 -19.02
N PHE A 730 3.42 -50.88 -18.11
CA PHE A 730 2.24 -50.07 -18.41
C PHE A 730 2.42 -48.70 -17.78
N ILE A 731 1.37 -47.89 -17.85
CA ILE A 731 1.41 -46.51 -17.34
C ILE A 731 1.26 -46.54 -15.83
N PRO A 732 2.16 -45.91 -15.08
CA PRO A 732 2.00 -45.87 -13.62
C PRO A 732 0.71 -45.21 -13.17
N MET A 733 0.24 -44.18 -13.88
CA MET A 733 -1.04 -43.56 -13.59
C MET A 733 -1.51 -42.77 -14.79
N LEU A 734 -2.82 -42.79 -15.04
CA LEU A 734 -3.39 -42.09 -16.18
C LEU A 734 -3.30 -40.58 -15.95
N SER A 735 -3.48 -39.83 -17.05
CA SER A 735 -3.46 -38.37 -16.96
C SER A 735 -4.63 -37.84 -16.15
N ILE A 736 -5.80 -38.47 -16.28
CA ILE A 736 -6.98 -38.02 -15.55
C ILE A 736 -6.76 -38.15 -14.04
N HIS A 737 -6.14 -39.24 -13.60
CA HIS A 737 -5.87 -39.42 -12.19
C HIS A 737 -4.89 -38.36 -11.68
N ILE A 738 -3.88 -38.02 -12.48
CA ILE A 738 -2.93 -36.98 -12.08
C ILE A 738 -3.65 -35.63 -11.97
N LEU A 739 -4.50 -35.32 -12.94
CA LEU A 739 -5.23 -34.06 -12.90
C LEU A 739 -6.15 -33.98 -11.70
N LEU A 740 -6.86 -35.06 -11.40
CA LEU A 740 -7.73 -35.11 -10.22
C LEU A 740 -6.91 -34.96 -8.94
N LEU A 741 -5.75 -35.62 -8.90
CA LEU A 741 -4.84 -35.50 -7.76
C LEU A 741 -4.45 -34.05 -7.53
N ASN A 742 -4.02 -33.36 -8.59
CA ASN A 742 -3.62 -31.97 -8.46
C ASN A 742 -4.79 -31.10 -8.04
N LEU A 743 -5.97 -31.33 -8.63
CA LEU A 743 -7.14 -30.52 -8.29
C LEU A 743 -7.51 -30.66 -6.82
N ILE A 744 -7.56 -31.89 -6.33
CA ILE A 744 -7.92 -32.12 -4.93
C ILE A 744 -6.84 -31.58 -4.01
N TYR A 745 -5.57 -31.74 -4.38
CA TYR A 745 -4.49 -31.22 -3.55
C TYR A 745 -4.57 -29.70 -3.45
N ASP A 746 -4.86 -29.02 -4.57
CA ASP A 746 -4.95 -27.56 -4.53
C ASP A 746 -6.18 -27.09 -3.78
N PHE A 747 -7.29 -27.81 -3.91
CA PHE A 747 -8.47 -27.46 -3.12
C PHE A 747 -8.27 -27.75 -1.63
N SER A 748 -7.34 -28.63 -1.28
CA SER A 748 -6.96 -28.82 0.12
C SER A 748 -5.92 -27.81 0.59
N CYS A 749 -5.11 -27.29 -0.32
CA CYS A 749 -4.10 -26.30 0.01
C CYS A 749 -4.59 -24.87 -0.15
N THR A 750 -5.85 -24.68 -0.52
CA THR A 750 -6.38 -23.32 -0.54
C THR A 750 -6.45 -22.70 0.85
N ALA A 751 -6.24 -23.48 1.91
CA ALA A 751 -6.23 -22.98 3.27
C ALA A 751 -4.85 -22.55 3.76
N ILE A 752 -3.85 -22.50 2.87
CA ILE A 752 -2.53 -22.00 3.27
C ILE A 752 -2.57 -20.61 3.90
N PRO A 753 -3.27 -19.61 3.32
CA PRO A 753 -3.21 -18.26 3.90
C PRO A 753 -3.73 -18.17 5.33
N TRP A 754 -4.19 -19.26 5.93
CA TRP A 754 -4.74 -19.25 7.28
C TRP A 754 -3.93 -20.10 8.25
N ASP A 755 -2.65 -20.34 7.97
CA ASP A 755 -1.81 -21.12 8.85
C ASP A 755 -0.83 -20.23 9.61
N ASN A 756 -0.30 -20.78 10.70
CA ASN A 756 0.68 -20.05 11.49
C ASN A 756 1.99 -19.91 10.72
N VAL A 757 2.66 -18.79 10.91
CA VAL A 757 3.92 -18.49 10.26
C VAL A 757 4.98 -18.26 11.32
N ASP A 758 6.16 -18.86 11.11
CA ASP A 758 7.24 -18.72 12.07
C ASP A 758 7.66 -17.27 12.22
N GLU A 759 7.91 -16.86 13.47
CA GLU A 759 8.29 -15.48 13.74
C GLU A 759 9.63 -15.13 13.09
N GLU A 760 10.56 -16.08 13.09
CA GLU A 760 11.87 -15.83 12.49
C GLU A 760 11.78 -15.54 11.01
N TYR A 761 10.75 -16.04 10.33
CA TYR A 761 10.55 -15.71 8.93
C TYR A 761 9.98 -14.31 8.74
N LEU A 762 9.14 -13.85 9.68
CA LEU A 762 8.53 -12.54 9.57
C LEU A 762 9.42 -11.42 10.12
N VAL A 763 10.47 -11.75 10.87
CA VAL A 763 11.28 -10.72 11.50
C VAL A 763 11.95 -9.84 10.45
N VAL A 764 12.53 -10.46 9.42
CA VAL A 764 13.28 -9.71 8.42
C VAL A 764 12.42 -9.53 7.16
N PRO A 765 12.59 -8.43 6.43
CA PRO A 765 11.88 -8.28 5.15
C PRO A 765 12.42 -9.26 4.12
N ARG A 766 11.54 -9.67 3.21
CA ARG A 766 11.85 -10.70 2.24
C ARG A 766 11.61 -10.20 0.82
N LYS A 767 12.45 -10.65 -0.10
CA LYS A 767 12.33 -10.34 -1.51
C LYS A 767 12.06 -11.61 -2.30
N TRP A 768 11.40 -11.47 -3.45
CA TRP A 768 11.03 -12.62 -4.26
C TRP A 768 12.29 -13.35 -4.74
N ASP A 769 12.22 -14.68 -4.74
CA ASP A 769 13.32 -15.52 -5.17
C ASP A 769 12.81 -16.57 -6.14
N ALA A 770 13.68 -16.93 -7.09
CA ALA A 770 13.36 -17.92 -8.11
C ALA A 770 14.26 -19.14 -8.05
N SER A 771 15.57 -18.94 -7.93
CA SER A 771 16.49 -20.08 -7.87
C SER A 771 16.29 -20.88 -6.60
N SER A 772 15.79 -20.26 -5.54
CA SER A 772 15.52 -20.99 -4.30
C SER A 772 14.47 -22.07 -4.52
N VAL A 773 13.46 -21.79 -5.34
CA VAL A 773 12.46 -22.81 -5.66
C VAL A 773 13.11 -23.99 -6.37
N SER A 774 14.00 -23.71 -7.33
CA SER A 774 14.69 -24.78 -8.04
C SER A 774 15.54 -25.62 -7.09
N LYS A 775 16.27 -24.96 -6.19
CA LYS A 775 17.07 -25.71 -5.21
C LYS A 775 16.19 -26.56 -4.31
N PHE A 776 15.06 -26.01 -3.86
CA PHE A 776 14.15 -26.75 -2.99
C PHE A 776 13.61 -27.98 -3.71
N MET A 777 13.19 -27.82 -4.96
CA MET A 777 12.70 -28.98 -5.71
C MET A 777 13.80 -30.03 -5.85
N LEU A 778 14.98 -29.63 -6.33
CA LEU A 778 16.06 -30.58 -6.55
C LEU A 778 16.48 -31.27 -5.26
N TRP A 779 16.31 -30.63 -4.11
CA TRP A 779 16.76 -31.20 -2.86
C TRP A 779 15.67 -31.95 -2.08
N ILE A 780 14.40 -31.79 -2.44
CA ILE A 780 13.32 -32.42 -1.71
C ILE A 780 12.60 -33.49 -2.53
N GLY A 781 12.36 -33.25 -3.82
CA GLY A 781 11.61 -34.16 -4.64
C GLY A 781 12.15 -35.59 -4.72
N PRO A 782 13.46 -35.75 -4.92
CA PRO A 782 14.02 -37.10 -4.97
C PRO A 782 13.80 -37.90 -3.70
N THR A 783 13.58 -37.26 -2.55
CA THR A 783 13.25 -38.01 -1.34
C THR A 783 11.93 -38.76 -1.51
N SER A 784 10.91 -38.09 -2.07
CA SER A 784 9.66 -38.77 -2.36
C SER A 784 9.75 -39.68 -3.57
N SER A 785 10.72 -39.43 -4.46
CA SER A 785 10.87 -40.29 -5.63
C SER A 785 11.22 -41.71 -5.21
N VAL A 786 12.08 -41.88 -4.22
CA VAL A 786 12.48 -43.21 -3.77
C VAL A 786 11.26 -43.97 -3.25
N PHE A 787 10.42 -43.30 -2.47
CA PHE A 787 9.27 -43.99 -1.90
C PHE A 787 8.18 -44.24 -2.92
N ASP A 788 8.05 -43.38 -3.93
CA ASP A 788 7.13 -43.70 -5.02
C ASP A 788 7.62 -44.92 -5.79
N ILE A 789 8.94 -45.05 -5.99
CA ILE A 789 9.48 -46.26 -6.61
C ILE A 789 9.20 -47.47 -5.74
N THR A 790 9.35 -47.32 -4.43
CA THR A 790 9.06 -48.42 -3.50
C THR A 790 7.59 -48.84 -3.59
N THR A 791 6.69 -47.86 -3.66
CA THR A 791 5.27 -48.18 -3.81
C THR A 791 5.00 -48.86 -5.15
N TYR A 792 5.65 -48.41 -6.21
CA TYR A 792 5.57 -49.10 -7.49
C TYR A 792 5.92 -50.58 -7.33
N LEU A 793 7.07 -50.84 -6.70
CA LEU A 793 7.53 -52.21 -6.53
C LEU A 793 6.55 -53.04 -5.70
N LEU A 794 6.09 -52.46 -4.58
CA LEU A 794 5.19 -53.19 -3.69
C LEU A 794 3.87 -53.53 -4.40
N MET A 795 3.30 -52.56 -5.11
CA MET A 795 2.03 -52.80 -5.78
C MET A 795 2.19 -53.79 -6.92
N PHE A 796 3.28 -53.69 -7.68
CA PHE A 796 3.47 -54.57 -8.82
C PHE A 796 3.90 -55.97 -8.43
N PHE A 797 4.38 -56.18 -7.20
CA PHE A 797 4.88 -57.49 -6.83
C PHE A 797 4.15 -58.16 -5.68
N VAL A 798 3.57 -57.40 -4.75
CA VAL A 798 3.05 -57.94 -3.49
C VAL A 798 1.52 -57.93 -3.46
N ILE A 799 0.92 -56.74 -3.52
CA ILE A 799 -0.52 -56.63 -3.26
C ILE A 799 -1.32 -57.04 -4.49
N CYS A 800 -1.07 -56.38 -5.62
CA CYS A 800 -1.84 -56.66 -6.82
C CYS A 800 -1.69 -58.10 -7.30
N PRO A 801 -0.49 -58.69 -7.34
CA PRO A 801 -0.42 -60.13 -7.63
C PRO A 801 -1.17 -60.99 -6.63
N ALA A 802 -1.19 -60.62 -5.36
CA ALA A 802 -1.93 -61.40 -4.37
C ALA A 802 -3.43 -61.31 -4.60
N THR A 803 -3.91 -60.19 -5.14
CA THR A 803 -5.33 -60.04 -5.42
C THR A 803 -5.75 -60.66 -6.75
N PHE A 804 -4.93 -60.50 -7.79
CA PHE A 804 -5.30 -60.90 -9.14
C PHE A 804 -4.48 -62.04 -9.72
N GLY A 805 -3.27 -62.27 -9.22
CA GLY A 805 -2.39 -63.26 -9.81
C GLY A 805 -1.15 -62.61 -10.40
N PRO A 806 -0.13 -63.41 -10.70
CA PRO A 806 1.11 -62.86 -11.23
C PRO A 806 0.89 -62.18 -12.57
N PHE A 807 1.63 -61.09 -12.81
CA PHE A 807 1.47 -60.34 -14.05
C PHE A 807 2.07 -61.08 -15.23
N SER A 808 3.16 -61.83 -15.01
CA SER A 808 3.81 -62.52 -16.12
C SER A 808 2.93 -63.61 -16.71
N SER A 809 1.99 -64.13 -15.93
CA SER A 809 1.07 -65.16 -16.38
C SER A 809 -0.29 -64.60 -16.78
N LEU A 810 -0.41 -63.28 -16.92
CA LEU A 810 -1.68 -62.65 -17.21
C LEU A 810 -1.75 -62.30 -18.69
N VAL A 811 -2.76 -62.84 -19.38
CA VAL A 811 -2.92 -62.58 -20.81
C VAL A 811 -3.41 -61.15 -21.00
N PRO A 812 -2.75 -60.35 -21.84
CA PRO A 812 -3.20 -58.97 -22.04
C PRO A 812 -4.55 -58.90 -22.72
N GLY A 813 -5.29 -57.84 -22.40
CA GLY A 813 -6.58 -57.58 -22.99
C GLY A 813 -7.76 -58.16 -22.26
N SER A 814 -7.54 -59.07 -21.32
CA SER A 814 -8.64 -59.68 -20.58
C SER A 814 -9.13 -58.76 -19.47
N VAL A 815 -10.19 -59.18 -18.79
CA VAL A 815 -10.73 -58.40 -17.68
C VAL A 815 -9.73 -58.37 -16.52
N ALA A 816 -9.02 -59.48 -16.29
CA ALA A 816 -8.06 -59.53 -15.20
C ALA A 816 -6.91 -58.55 -15.43
N TYR A 817 -6.49 -58.38 -16.68
CA TYR A 817 -5.46 -57.39 -17.00
C TYR A 817 -5.94 -55.98 -16.66
N ILE A 818 -7.19 -55.67 -17.02
CA ILE A 818 -7.74 -54.35 -16.71
C ILE A 818 -7.82 -54.14 -15.21
N GLY A 819 -8.25 -55.16 -14.47
CA GLY A 819 -8.27 -55.06 -13.03
C GLY A 819 -6.90 -54.88 -12.42
N PHE A 820 -5.89 -55.58 -12.95
CA PHE A 820 -4.52 -55.40 -12.50
C PHE A 820 -4.08 -53.95 -12.67
N ILE A 821 -4.28 -53.40 -13.87
CA ILE A 821 -3.86 -52.02 -14.12
C ILE A 821 -4.63 -51.05 -13.22
N ALA A 822 -5.94 -51.26 -13.08
CA ALA A 822 -6.75 -50.36 -12.26
C ALA A 822 -6.33 -50.40 -10.81
N LEU A 823 -6.05 -51.59 -10.27
CA LEU A 823 -5.62 -51.70 -8.88
C LEU A 823 -4.28 -51.01 -8.68
N PHE A 824 -3.33 -51.19 -9.61
CA PHE A 824 -2.05 -50.50 -9.49
C PHE A 824 -2.24 -48.99 -9.51
N HIS A 825 -3.05 -48.50 -10.44
CA HIS A 825 -3.28 -47.06 -10.55
C HIS A 825 -3.91 -46.51 -9.28
N THR A 826 -4.92 -47.20 -8.75
CA THR A 826 -5.58 -46.74 -7.53
C THR A 826 -4.62 -46.73 -6.36
N GLY A 827 -3.80 -47.78 -6.23
CA GLY A 827 -2.87 -47.84 -5.12
C GLY A 827 -1.88 -46.69 -5.16
N TRP A 828 -1.26 -46.46 -6.32
CA TRP A 828 -0.31 -45.35 -6.38
C TRP A 828 -1.02 -44.01 -6.21
N PHE A 829 -2.26 -43.91 -6.66
CA PHE A 829 -3.02 -42.68 -6.52
C PHE A 829 -3.24 -42.32 -5.06
N VAL A 830 -3.76 -43.28 -4.29
CA VAL A 830 -4.02 -43.03 -2.87
C VAL A 830 -2.72 -42.77 -2.12
N GLU A 831 -1.68 -43.57 -2.41
CA GLU A 831 -0.40 -43.35 -1.73
C GLU A 831 0.15 -41.96 -2.03
N SER A 832 0.08 -41.53 -3.30
CA SER A 832 0.58 -40.22 -3.67
C SER A 832 -0.18 -39.11 -2.98
N MET A 833 -1.51 -39.22 -2.92
CA MET A 833 -2.29 -38.16 -2.28
C MET A 833 -1.95 -38.07 -0.80
N TRP A 834 -1.89 -39.22 -0.12
CA TRP A 834 -1.56 -39.22 1.31
C TRP A 834 -0.18 -38.64 1.55
N THR A 835 0.81 -39.03 0.73
CA THR A 835 2.15 -38.49 0.89
C THR A 835 2.17 -36.98 0.70
N GLN A 836 1.53 -36.50 -0.37
CA GLN A 836 1.55 -35.07 -0.66
C GLN A 836 0.90 -34.26 0.45
N THR A 837 -0.24 -34.73 0.98
CA THR A 837 -0.88 -33.98 2.06
C THR A 837 -0.12 -34.06 3.36
N LEU A 838 0.41 -35.23 3.71
CA LEU A 838 1.01 -35.38 5.02
C LEU A 838 2.45 -34.84 5.08
N VAL A 839 3.09 -34.60 3.93
CA VAL A 839 4.39 -33.93 3.96
C VAL A 839 4.27 -32.45 4.21
N ILE A 840 3.04 -31.91 4.17
CA ILE A 840 2.84 -30.48 4.39
C ILE A 840 3.33 -30.08 5.77
N HIS A 841 2.96 -30.85 6.79
CA HIS A 841 3.33 -30.52 8.16
C HIS A 841 4.84 -30.57 8.35
N MET A 842 5.50 -31.55 7.73
CA MET A 842 6.94 -31.71 7.92
C MET A 842 7.73 -30.65 7.19
N ILE A 843 7.32 -30.32 5.96
CA ILE A 843 8.12 -29.40 5.13
C ILE A 843 8.00 -27.97 5.62
N ARG A 844 6.79 -27.56 6.04
CA ARG A 844 6.51 -26.14 6.23
C ARG A 844 7.41 -25.51 7.28
N THR A 845 7.66 -26.21 8.38
CA THR A 845 8.35 -25.57 9.48
C THR A 845 9.77 -26.11 9.64
N PRO A 846 10.78 -25.23 9.66
CA PRO A 846 12.17 -25.71 9.82
C PRO A 846 12.48 -26.23 11.22
N LYS A 847 11.63 -25.97 12.20
CA LYS A 847 11.81 -26.48 13.55
C LYS A 847 11.21 -27.88 13.64
N ILE A 848 11.08 -28.39 14.85
CA ILE A 848 10.43 -29.69 15.05
C ILE A 848 8.96 -29.59 14.66
N PRO A 849 8.44 -30.49 13.81
CA PRO A 849 7.12 -30.27 13.20
C PRO A 849 5.95 -30.24 14.18
N PHE A 850 6.06 -30.81 15.37
CA PHE A 850 4.91 -30.81 16.27
C PHE A 850 5.23 -30.33 17.67
N LEU A 851 6.44 -30.58 18.15
CA LEU A 851 6.78 -30.23 19.53
C LEU A 851 7.01 -28.74 19.71
N GLN A 852 7.57 -28.07 18.71
CA GLN A 852 7.92 -26.65 18.82
C GLN A 852 6.99 -25.74 18.04
N SER A 853 6.64 -26.09 16.80
CA SER A 853 5.75 -25.29 15.99
C SER A 853 4.57 -26.14 15.57
N ARG A 854 3.37 -25.60 15.66
CA ARG A 854 2.15 -26.32 15.36
C ARG A 854 1.43 -25.67 14.18
N ALA A 855 0.83 -26.50 13.35
CA ALA A 855 0.03 -26.00 12.24
C ALA A 855 -1.31 -25.48 12.74
N SER A 856 -1.92 -24.61 11.94
CA SER A 856 -3.17 -24.01 12.34
C SER A 856 -4.33 -24.99 12.13
N ALA A 857 -5.44 -24.71 12.82
CA ALA A 857 -6.63 -25.55 12.68
C ALA A 857 -7.20 -25.57 11.27
N PRO A 858 -7.40 -24.43 10.58
CA PRO A 858 -8.06 -24.51 9.27
C PRO A 858 -7.33 -25.35 8.24
N LEU A 859 -6.02 -25.15 8.10
CA LEU A 859 -5.25 -25.93 7.13
C LEU A 859 -5.32 -27.41 7.46
N THR A 860 -5.18 -27.76 8.73
CA THR A 860 -5.20 -29.16 9.14
C THR A 860 -6.55 -29.81 8.82
N ILE A 861 -7.65 -29.13 9.19
CA ILE A 861 -8.96 -29.75 8.97
C ILE A 861 -9.26 -29.85 7.49
N LEU A 862 -8.92 -28.82 6.70
CA LEU A 862 -9.19 -28.87 5.28
C LEU A 862 -8.35 -29.96 4.60
N THR A 863 -7.11 -30.11 5.01
CA THR A 863 -6.28 -31.19 4.47
C THR A 863 -6.87 -32.55 4.81
N PHE A 864 -7.38 -32.72 6.03
CA PHE A 864 -8.00 -33.99 6.41
C PHE A 864 -9.25 -34.26 5.58
N MET A 865 -10.09 -33.25 5.35
CA MET A 865 -11.26 -33.46 4.51
C MET A 865 -10.85 -33.85 3.09
N GLY A 866 -9.81 -33.20 2.55
CA GLY A 866 -9.35 -33.59 1.23
C GLY A 866 -8.89 -35.03 1.17
N ILE A 867 -8.11 -35.46 2.18
CA ILE A 867 -7.62 -36.83 2.22
C ILE A 867 -8.79 -37.80 2.26
N ILE A 868 -9.74 -37.56 3.16
CA ILE A 868 -10.86 -38.49 3.32
C ILE A 868 -11.71 -38.54 2.06
N GLY A 869 -12.00 -37.38 1.47
CA GLY A 869 -12.80 -37.37 0.26
C GLY A 869 -12.14 -38.12 -0.87
N LEU A 870 -10.85 -37.88 -1.10
CA LEU A 870 -10.19 -38.58 -2.19
C LEU A 870 -10.08 -40.07 -1.90
N THR A 871 -9.91 -40.46 -0.63
CA THR A 871 -9.84 -41.88 -0.31
C THR A 871 -11.19 -42.56 -0.51
N ILE A 872 -12.29 -41.83 -0.32
CA ILE A 872 -13.60 -42.39 -0.67
C ILE A 872 -13.78 -42.44 -2.18
N ILE A 873 -13.05 -41.60 -2.92
CA ILE A 873 -13.24 -41.53 -4.38
C ILE A 873 -13.10 -42.88 -5.07
N PRO A 874 -12.06 -43.69 -4.83
CA PRO A 874 -11.95 -44.96 -5.58
C PRO A 874 -13.10 -45.93 -5.34
N PHE A 875 -13.66 -45.96 -4.13
CA PHE A 875 -14.68 -46.96 -3.82
C PHE A 875 -16.00 -46.67 -4.53
N THR A 876 -16.32 -45.40 -4.75
CA THR A 876 -17.58 -45.06 -5.40
C THR A 876 -17.51 -45.39 -6.89
N SER A 877 -18.69 -45.41 -7.52
CA SER A 877 -18.79 -45.77 -8.93
C SER A 877 -18.06 -44.76 -9.82
N PHE A 878 -17.92 -43.52 -9.34
CA PHE A 878 -17.19 -42.52 -10.13
C PHE A 878 -15.74 -42.93 -10.34
N GLY A 879 -15.12 -43.50 -9.30
CA GLY A 879 -13.77 -44.02 -9.46
C GLY A 879 -13.71 -45.16 -10.47
N HIS A 880 -14.69 -46.06 -10.42
CA HIS A 880 -14.74 -47.15 -11.38
C HIS A 880 -15.01 -46.67 -12.80
N SER A 881 -15.58 -45.47 -12.95
CA SER A 881 -15.88 -44.95 -14.28
C SER A 881 -14.63 -44.46 -15.00
N ILE A 882 -13.61 -44.01 -14.27
CA ILE A 882 -12.41 -43.45 -14.87
C ILE A 882 -11.23 -44.40 -14.77
N GLY A 883 -11.42 -45.58 -14.19
CA GLY A 883 -10.38 -46.58 -14.12
C GLY A 883 -9.79 -46.84 -12.74
N LEU A 884 -10.54 -46.63 -11.67
CA LEU A 884 -10.08 -46.91 -10.32
C LEU A 884 -10.82 -48.10 -9.75
N MET A 885 -10.14 -48.87 -8.92
CA MET A 885 -10.67 -50.08 -8.33
C MET A 885 -10.58 -50.02 -6.82
N ALA A 886 -11.51 -50.68 -6.14
CA ALA A 886 -11.53 -50.68 -4.69
C ALA A 886 -10.26 -51.31 -4.13
N LEU A 887 -9.64 -50.62 -3.17
CA LEU A 887 -8.41 -51.11 -2.59
C LEU A 887 -8.69 -52.25 -1.61
N PRO A 888 -7.78 -53.19 -1.46
CA PRO A 888 -7.92 -54.20 -0.41
C PRO A 888 -7.54 -53.64 0.95
N ILE A 889 -8.00 -54.34 1.99
CA ILE A 889 -7.76 -53.89 3.35
C ILE A 889 -6.26 -53.92 3.67
N ASN A 890 -5.56 -54.93 3.15
CA ASN A 890 -4.16 -55.12 3.51
C ASN A 890 -3.27 -54.00 3.01
N PHE A 891 -3.73 -53.19 2.07
CA PHE A 891 -2.88 -52.13 1.51
C PHE A 891 -2.60 -51.04 2.54
N PHE A 892 -3.59 -50.71 3.37
CA PHE A 892 -3.47 -49.55 4.25
C PHE A 892 -2.32 -49.62 5.25
N PRO A 893 -2.04 -50.76 5.92
CA PRO A 893 -0.86 -50.79 6.81
C PRO A 893 0.43 -50.44 6.08
N TRP A 894 0.55 -50.90 4.83
CA TRP A 894 1.72 -50.53 4.03
C TRP A 894 1.74 -49.04 3.76
N LEU A 895 0.57 -48.44 3.55
CA LEU A 895 0.50 -46.99 3.35
C LEU A 895 0.98 -46.25 4.58
N ILE A 896 0.56 -46.70 5.76
CA ILE A 896 0.98 -46.05 7.00
C ILE A 896 2.49 -46.18 7.20
N LEU A 897 3.02 -47.37 6.95
CA LEU A 897 4.46 -47.57 7.08
C LEU A 897 5.23 -46.69 6.10
N THR A 898 4.74 -46.60 4.86
CA THR A 898 5.37 -45.73 3.86
C THR A 898 5.34 -44.28 4.30
N VAL A 899 4.22 -43.82 4.86
CA VAL A 899 4.12 -42.44 5.32
C VAL A 899 5.13 -42.17 6.42
N VAL A 900 5.25 -43.07 7.39
CA VAL A 900 6.17 -42.86 8.51
C VAL A 900 7.62 -42.86 8.02
N MET A 901 7.96 -43.84 7.18
CA MET A 901 9.33 -43.94 6.67
C MET A 901 9.66 -42.78 5.75
N TYR A 902 8.66 -42.20 5.09
CA TYR A 902 8.88 -41.00 4.30
C TYR A 902 9.07 -39.79 5.20
N MET A 903 8.35 -39.74 6.31
CA MET A 903 8.45 -38.60 7.21
C MET A 903 9.83 -38.53 7.85
N MET A 904 10.40 -39.68 8.23
CA MET A 904 11.74 -39.65 8.80
C MET A 904 12.77 -39.16 7.77
N LEU A 905 12.63 -39.60 6.51
CA LEU A 905 13.56 -39.16 5.48
C LEU A 905 13.40 -37.67 5.19
N VAL A 906 12.15 -37.19 5.20
CA VAL A 906 11.91 -35.77 4.99
C VAL A 906 12.52 -34.95 6.11
N THR A 907 12.42 -35.44 7.36
CA THR A 907 13.08 -34.75 8.46
C THR A 907 14.59 -34.69 8.27
N ILE A 908 15.20 -35.80 7.86
CA ILE A 908 16.65 -35.82 7.66
C ILE A 908 17.05 -34.83 6.57
N PHE A 909 16.32 -34.85 5.44
CA PHE A 909 16.68 -33.99 4.33
C PHE A 909 16.40 -32.52 4.64
N LYS A 910 15.37 -32.26 5.44
CA LYS A 910 15.10 -30.91 5.89
C LYS A 910 16.22 -30.39 6.76
N LYS A 911 16.74 -31.25 7.65
CA LYS A 911 17.90 -30.87 8.45
C LYS A 911 19.11 -30.58 7.57
N ILE A 912 19.35 -31.42 6.56
CA ILE A 912 20.48 -31.19 5.67
C ILE A 912 20.32 -29.88 4.91
N PHE A 913 19.11 -29.61 4.39
CA PHE A 913 18.87 -28.39 3.65
C PHE A 913 19.03 -27.16 4.53
N VAL A 914 18.54 -27.23 5.77
CA VAL A 914 18.69 -26.12 6.69
C VAL A 914 20.15 -25.87 7.00
N SER A 915 20.92 -26.95 7.22
CA SER A 915 22.35 -26.78 7.49
C SER A 915 23.08 -26.18 6.29
N LYS A 916 22.69 -26.56 5.07
CA LYS A 916 23.38 -26.09 3.88
C LYS A 916 23.03 -24.64 3.52
N TYR A 917 21.73 -24.30 3.51
CA TYR A 917 21.30 -22.98 3.05
C TYR A 917 20.84 -22.05 4.16
N GLY A 918 20.16 -22.57 5.19
CA GLY A 918 19.78 -21.78 6.34
C GLY A 918 18.34 -21.33 6.36
N GLU A 919 17.56 -21.63 5.31
CA GLU A 919 16.17 -21.20 5.28
C GLU A 919 15.36 -22.18 4.43
N LEU A 920 14.05 -22.12 4.62
CA LEU A 920 13.13 -22.98 3.87
C LEU A 920 12.04 -22.15 3.20
MG MG B . -5.07 40.56 0.48
MG MG C . -12.49 17.42 1.74
MG MG D . 4.25 -37.67 -4.21
#